data_6IHC
#
_entry.id   6IHC
#
_cell.length_a   272.528
_cell.length_b   76.900
_cell.length_c   72.991
_cell.angle_alpha   90.00
_cell.angle_beta   99.23
_cell.angle_gamma   90.00
#
_symmetry.space_group_name_H-M   'C 1 2 1'
#
loop_
_entity.id
_entity.type
_entity.pdbx_description
1 polymer '3-hydroxyacyl-[acyl-carrier-protein] dehydratase FabZ'
2 polymer 'holo-form acyl carrier protein (holo-ACP)'
3 non-polymer 'CITRIC ACID'
4 non-polymer N~3~-[(2S)-2-hydroxy-3,3-dimethyl-4-(phosphonooxy)butanoyl]-N-(2-sulfanylethyl)-beta-alaninamide
5 water water
#
loop_
_entity_poly.entity_id
_entity_poly.type
_entity_poly.pdbx_seq_one_letter_code
_entity_poly.pdbx_strand_id
1 'polypeptide(L)'
;NLQSQFFIEHILQILPHRYPMLLVDRITELQANQKIVAYKNITFNEDVFNGHFPNKPIFPGVLIVEGMAQSGGFLAFTSL
WGFDPEIAKTKIVAFMTIDKVKFRIPVTPGDRLEYHLEVLKHKGMIWQVGGTAQVDGKVVAEAELKAMIAERE
;
A,B,C,D,E,F
2 'polypeptide(L)' IQAVIAEQLNVDAAQVTPEAEFVKDLGADSLDVVELIMALEEKFGIEIPDEQAEKIVNVGDVVKY G
#
loop_
_chem_comp.id
_chem_comp.type
_chem_comp.name
_chem_comp.formula
CIT non-polymer 'CITRIC ACID' 'C6 H8 O7'
PN7 non-polymer N~3~-[(2S)-2-hydroxy-3,3-dimethyl-4-(phosphonooxy)butanoyl]-N-(2-sulfanylethyl)-beta-alaninamide 'C11 H23 N2 O7 P S'
#
# COMPACT_ATOMS: atom_id res chain seq x y z
N GLN A 3 -25.71 20.91 -8.98
CA GLN A 3 -24.46 21.55 -9.41
C GLN A 3 -23.87 20.79 -10.57
N SER A 4 -22.78 21.34 -11.13
CA SER A 4 -22.05 20.68 -12.20
C SER A 4 -20.61 20.33 -11.82
N GLN A 5 -20.04 20.95 -10.77
CA GLN A 5 -18.72 20.61 -10.28
C GLN A 5 -18.82 19.98 -8.90
N PHE A 6 -18.14 18.85 -8.70
CA PHE A 6 -18.16 18.13 -7.44
C PHE A 6 -16.73 17.81 -7.01
N PHE A 7 -16.45 18.05 -5.74
CA PHE A 7 -15.14 17.83 -5.16
C PHE A 7 -15.11 16.51 -4.41
N ILE A 8 -13.89 16.13 -3.96
CA ILE A 8 -13.69 14.80 -3.38
C ILE A 8 -14.67 14.54 -2.22
N GLU A 9 -15.02 15.56 -1.42
CA GLU A 9 -15.94 15.29 -0.32
C GLU A 9 -17.35 15.01 -0.78
N HIS A 10 -17.74 15.59 -1.94
CA HIS A 10 -19.00 15.20 -2.60
C HIS A 10 -18.93 13.79 -3.15
N ILE A 11 -17.81 13.43 -3.80
CA ILE A 11 -17.66 12.08 -4.33
C ILE A 11 -17.74 11.05 -3.21
N LEU A 12 -17.10 11.32 -2.07
CA LEU A 12 -17.15 10.43 -0.92
C LEU A 12 -18.58 10.17 -0.44
N GLN A 13 -19.50 11.11 -0.67
CA GLN A 13 -20.85 10.94 -0.15
C GLN A 13 -21.75 10.16 -1.10
N ILE A 14 -21.29 9.88 -2.32
CA ILE A 14 -22.08 9.22 -3.34
C ILE A 14 -21.58 7.80 -3.58
N LEU A 15 -20.26 7.66 -3.81
CA LEU A 15 -19.60 6.40 -4.11
C LEU A 15 -19.19 5.73 -2.81
N PRO A 16 -19.42 4.41 -2.67
CA PRO A 16 -18.95 3.71 -1.48
C PRO A 16 -17.47 3.34 -1.52
N HIS A 17 -16.82 3.43 -2.68
CA HIS A 17 -15.40 3.09 -2.80
C HIS A 17 -14.54 3.92 -1.85
N ARG A 18 -13.53 3.28 -1.25
CA ARG A 18 -12.61 3.97 -0.36
C ARG A 18 -11.19 3.59 -0.75
N TYR A 19 -10.21 4.23 -0.09
CA TYR A 19 -8.82 3.91 -0.34
C TYR A 19 -8.63 2.41 -0.17
N PRO A 20 -7.92 1.72 -1.09
CA PRO A 20 -7.25 2.29 -2.28
C PRO A 20 -7.99 2.06 -3.61
N MET A 21 -9.31 2.15 -3.61
CA MET A 21 -10.06 1.84 -4.83
C MET A 21 -10.99 2.99 -5.25
N LEU A 22 -10.79 4.18 -4.70
CA LEU A 22 -11.52 5.36 -5.14
C LEU A 22 -10.62 6.06 -6.14
N LEU A 23 -11.02 6.02 -7.42
CA LEU A 23 -10.11 6.42 -8.49
C LEU A 23 -10.65 7.62 -9.27
N VAL A 24 -11.48 8.43 -8.61
CA VAL A 24 -12.00 9.68 -9.15
C VAL A 24 -11.78 10.78 -8.11
N ASP A 25 -11.07 11.83 -8.49
CA ASP A 25 -10.76 12.90 -7.55
C ASP A 25 -11.65 14.12 -7.67
N ARG A 26 -12.23 14.36 -8.84
CA ARG A 26 -13.00 15.59 -9.03
C ARG A 26 -13.88 15.43 -10.28
N ILE A 27 -15.12 15.91 -10.17
CA ILE A 27 -16.04 16.01 -11.30
C ILE A 27 -16.00 17.45 -11.80
N THR A 28 -15.66 17.65 -13.06
CA THR A 28 -15.64 19.02 -13.54
C THR A 28 -16.85 19.37 -14.37
N GLU A 29 -17.63 18.38 -14.82
CA GLU A 29 -18.83 18.66 -15.61
C GLU A 29 -19.78 17.47 -15.51
N LEU A 30 -21.08 17.77 -15.46
CA LEU A 30 -22.07 16.69 -15.39
C LEU A 30 -23.39 17.18 -15.97
N GLN A 31 -23.91 16.47 -16.97
CA GLN A 31 -25.22 16.71 -17.55
C GLN A 31 -26.06 15.46 -17.31
N ALA A 32 -27.12 15.61 -16.52
CA ALA A 32 -27.99 14.47 -16.22
C ALA A 32 -28.42 13.76 -17.49
N ASN A 33 -28.30 12.43 -17.49
CA ASN A 33 -28.70 11.55 -18.57
C ASN A 33 -27.89 11.71 -19.83
N GLN A 34 -26.87 12.58 -19.83
CA GLN A 34 -26.10 12.85 -21.05
C GLN A 34 -24.64 12.50 -20.87
N LYS A 35 -23.88 13.20 -20.02
CA LYS A 35 -22.44 13.01 -20.06
C LYS A 35 -21.82 13.45 -18.74
N ILE A 36 -20.59 12.99 -18.52
CA ILE A 36 -19.81 13.39 -17.35
C ILE A 36 -18.36 13.58 -17.77
N VAL A 37 -17.70 14.58 -17.19
CA VAL A 37 -16.27 14.77 -17.28
C VAL A 37 -15.73 14.81 -15.87
N ALA A 38 -14.76 13.95 -15.58
CA ALA A 38 -14.16 13.80 -14.26
C ALA A 38 -12.67 13.54 -14.45
N TYR A 39 -11.93 13.52 -13.35
CA TYR A 39 -10.52 13.20 -13.52
C TYR A 39 -9.94 12.65 -12.23
N LYS A 40 -8.76 12.05 -12.37
CA LYS A 40 -7.94 11.56 -11.26
C LYS A 40 -6.50 12.00 -11.50
N ASN A 41 -5.88 12.61 -10.49
CA ASN A 41 -4.48 12.93 -10.60
C ASN A 41 -3.66 11.66 -10.42
N ILE A 42 -2.62 11.51 -11.24
CA ILE A 42 -1.67 10.42 -11.12
C ILE A 42 -0.39 10.95 -10.49
N THR A 43 0.06 10.32 -9.41
CA THR A 43 1.25 10.76 -8.69
C THR A 43 2.12 9.57 -8.35
N PHE A 44 3.42 9.78 -8.19
CA PHE A 44 4.28 8.66 -7.85
C PHE A 44 3.98 8.12 -6.47
N ASN A 45 3.33 8.93 -5.62
CA ASN A 45 3.01 8.59 -4.24
C ASN A 45 1.83 7.64 -4.10
N GLU A 46 1.62 6.76 -5.09
CA GLU A 46 0.54 5.80 -5.07
C GLU A 46 1.12 4.39 -4.96
N ASP A 47 0.50 3.56 -4.11
CA ASP A 47 1.01 2.23 -3.81
C ASP A 47 1.11 1.35 -5.06
N VAL A 48 0.21 1.53 -6.05
CA VAL A 48 0.27 0.78 -7.31
C VAL A 48 1.69 0.78 -7.89
N PHE A 49 2.38 1.91 -7.81
CA PHE A 49 3.63 2.05 -8.54
C PHE A 49 4.78 1.29 -7.88
N ASN A 50 4.61 0.80 -6.65
CA ASN A 50 5.59 -0.14 -6.12
C ASN A 50 5.64 -1.40 -6.97
N GLY A 51 4.52 -1.75 -7.60
CA GLY A 51 4.44 -3.03 -8.26
C GLY A 51 4.30 -2.97 -9.77
N HIS A 52 4.05 -1.79 -10.32
CA HIS A 52 3.61 -1.71 -11.71
C HIS A 52 4.20 -0.49 -12.41
N PHE A 53 5.49 -0.53 -12.76
CA PHE A 53 6.46 -1.58 -12.44
C PHE A 53 7.61 -0.92 -11.68
N PRO A 54 8.43 -1.70 -10.97
CA PRO A 54 9.64 -1.12 -10.36
C PRO A 54 10.51 -0.42 -11.41
N ASN A 55 10.87 0.84 -11.12
CA ASN A 55 11.67 1.72 -11.97
C ASN A 55 10.99 2.09 -13.28
N LYS A 56 9.72 1.75 -13.45
CA LYS A 56 8.97 2.16 -14.64
C LYS A 56 7.49 2.27 -14.28
N PRO A 57 7.11 3.34 -13.57
CA PRO A 57 5.71 3.49 -13.13
C PRO A 57 4.79 3.76 -14.31
N ILE A 58 3.84 2.85 -14.51
CA ILE A 58 2.82 2.96 -15.55
C ILE A 58 1.49 2.66 -14.88
N PHE A 59 0.54 3.59 -15.00
CA PHE A 59 -0.76 3.41 -14.36
C PHE A 59 -1.52 2.27 -15.04
N PRO A 60 -1.99 1.27 -14.30
CA PRO A 60 -2.59 0.08 -14.94
C PRO A 60 -3.84 0.42 -15.76
N GLY A 61 -3.87 -0.11 -16.97
CA GLY A 61 -5.05 0.04 -17.81
C GLY A 61 -6.34 -0.41 -17.15
N VAL A 62 -6.29 -1.45 -16.32
CA VAL A 62 -7.53 -1.90 -15.70
C VAL A 62 -8.03 -0.90 -14.67
N LEU A 63 -7.13 -0.05 -14.13
CA LEU A 63 -7.54 1.00 -13.21
C LEU A 63 -8.06 2.24 -13.94
N ILE A 64 -7.61 2.48 -15.18
CA ILE A 64 -8.24 3.50 -16.02
C ILE A 64 -9.69 3.11 -16.29
N VAL A 65 -9.92 1.84 -16.58
CA VAL A 65 -11.27 1.34 -16.80
C VAL A 65 -12.09 1.45 -15.53
N GLU A 66 -11.48 1.11 -14.38
CA GLU A 66 -12.21 1.22 -13.12
C GLU A 66 -12.58 2.67 -12.83
N GLY A 67 -11.69 3.61 -13.15
CA GLY A 67 -12.03 5.01 -12.96
C GLY A 67 -13.10 5.48 -13.92
N MET A 68 -13.13 4.93 -15.13
CA MET A 68 -14.23 5.24 -16.03
C MET A 68 -15.55 4.68 -15.51
N ALA A 69 -15.52 3.49 -14.89
CA ALA A 69 -16.73 2.92 -14.30
C ALA A 69 -17.23 3.78 -13.15
N GLN A 70 -16.33 4.24 -12.29
CA GLN A 70 -16.76 5.05 -11.16
C GLN A 70 -17.35 6.37 -11.63
N SER A 71 -16.78 6.96 -12.69
CA SER A 71 -17.33 8.17 -13.27
C SER A 71 -18.70 7.90 -13.88
N GLY A 72 -18.85 6.80 -14.61
CA GLY A 72 -20.16 6.46 -15.15
C GLY A 72 -21.18 6.19 -14.08
N GLY A 73 -20.79 5.49 -13.02
CA GLY A 73 -21.71 5.23 -11.93
C GLY A 73 -22.19 6.50 -11.27
N PHE A 74 -21.28 7.44 -11.02
CA PHE A 74 -21.67 8.73 -10.47
C PHE A 74 -22.65 9.42 -11.40
N LEU A 75 -22.40 9.34 -12.72
CA LEU A 75 -23.30 9.90 -13.71
C LEU A 75 -24.68 9.24 -13.64
N ALA A 76 -24.71 7.91 -13.57
CA ALA A 76 -26.00 7.23 -13.53
C ALA A 76 -26.77 7.60 -12.27
N PHE A 77 -26.11 7.50 -11.12
CA PHE A 77 -26.82 7.72 -9.86
C PHE A 77 -27.41 9.13 -9.82
N THR A 78 -26.59 10.14 -10.09
CA THR A 78 -27.08 11.50 -9.98
C THR A 78 -28.10 11.82 -11.06
N SER A 79 -28.15 11.03 -12.13
CA SER A 79 -29.17 11.28 -13.14
C SER A 79 -30.56 10.93 -12.63
N LEU A 80 -30.65 9.91 -11.78
CA LEU A 80 -31.95 9.49 -11.26
C LEU A 80 -32.34 10.23 -9.98
N TRP A 81 -31.37 10.56 -9.13
CA TRP A 81 -31.70 11.12 -7.83
C TRP A 81 -30.96 12.41 -7.49
N GLY A 82 -30.15 12.94 -8.41
CA GLY A 82 -29.38 14.12 -8.06
C GLY A 82 -28.33 13.81 -7.00
N PHE A 83 -27.81 14.87 -6.39
CA PHE A 83 -26.80 14.70 -5.35
C PHE A 83 -27.51 14.40 -4.04
N ASP A 84 -27.80 13.11 -3.80
CA ASP A 84 -28.55 12.69 -2.63
C ASP A 84 -27.74 11.65 -1.86
N PRO A 85 -26.94 12.08 -0.89
CA PRO A 85 -26.15 11.11 -0.10
C PRO A 85 -27.01 10.09 0.65
N GLU A 86 -28.23 10.47 1.03
CA GLU A 86 -29.09 9.58 1.80
C GLU A 86 -29.57 8.40 0.96
N ILE A 87 -29.97 8.65 -0.28
CA ILE A 87 -30.33 7.55 -1.15
C ILE A 87 -29.07 6.80 -1.61
N ALA A 88 -27.92 7.50 -1.73
CA ALA A 88 -26.69 6.83 -2.15
C ALA A 88 -26.31 5.69 -1.21
N LYS A 89 -26.56 5.85 0.10
CA LYS A 89 -26.32 4.77 1.05
C LYS A 89 -27.07 3.49 0.70
N THR A 90 -28.17 3.58 -0.05
CA THR A 90 -29.02 2.43 -0.32
C THR A 90 -28.85 1.85 -1.73
N LYS A 91 -27.92 2.38 -2.53
CA LYS A 91 -27.78 1.95 -3.91
C LYS A 91 -26.36 1.50 -4.21
N ILE A 92 -26.23 0.59 -5.17
CA ILE A 92 -24.92 0.27 -5.73
C ILE A 92 -25.05 0.16 -7.25
N VAL A 93 -24.06 0.70 -7.95
CA VAL A 93 -24.02 0.65 -9.41
C VAL A 93 -23.17 -0.56 -9.77
N ALA A 94 -23.83 -1.66 -10.15
CA ALA A 94 -23.19 -2.94 -10.42
C ALA A 94 -22.86 -3.06 -11.91
N PHE A 95 -21.58 -3.15 -12.24
CA PHE A 95 -21.17 -3.26 -13.64
C PHE A 95 -21.15 -4.72 -14.04
N MET A 96 -21.83 -5.03 -15.14
CA MET A 96 -21.97 -6.37 -15.67
C MET A 96 -21.00 -6.64 -16.81
N THR A 97 -20.85 -5.69 -17.72
CA THR A 97 -20.04 -5.92 -18.90
C THR A 97 -19.18 -4.72 -19.19
N ILE A 98 -18.02 -5.00 -19.79
CA ILE A 98 -17.09 -4.03 -20.34
C ILE A 98 -16.73 -4.53 -21.72
N ASP A 99 -16.61 -3.61 -22.67
CA ASP A 99 -16.31 -4.02 -24.03
C ASP A 99 -15.63 -2.87 -24.78
N LYS A 100 -14.95 -3.25 -25.87
CA LYS A 100 -14.31 -2.29 -26.77
C LYS A 100 -13.32 -1.38 -26.07
N VAL A 101 -12.50 -1.93 -25.15
CA VAL A 101 -11.53 -1.04 -24.51
C VAL A 101 -10.21 -1.12 -25.27
N LYS A 102 -9.59 0.04 -25.42
CA LYS A 102 -8.35 0.17 -26.16
C LYS A 102 -7.43 1.09 -25.36
N PHE A 103 -6.15 0.76 -25.33
CA PHE A 103 -5.14 1.55 -24.63
C PHE A 103 -4.16 2.05 -25.66
N ARG A 104 -4.04 3.37 -25.78
CA ARG A 104 -3.29 4.01 -26.85
C ARG A 104 -2.00 4.67 -26.38
N ILE A 105 -2.00 5.25 -25.17
CA ILE A 105 -0.83 5.96 -24.64
C ILE A 105 -0.66 5.58 -23.17
N PRO A 106 0.55 5.25 -22.72
CA PRO A 106 0.75 4.96 -21.29
C PRO A 106 0.45 6.19 -20.44
N VAL A 107 -0.09 5.94 -19.24
CA VAL A 107 -0.38 6.97 -18.25
C VAL A 107 0.66 6.83 -17.15
N THR A 108 1.29 7.95 -16.78
CA THR A 108 2.44 7.93 -15.87
C THR A 108 2.29 9.00 -14.80
N PRO A 109 3.03 8.86 -13.69
CA PRO A 109 3.05 9.91 -12.67
C PRO A 109 3.18 11.31 -13.24
N GLY A 110 2.31 12.21 -12.77
CA GLY A 110 2.30 13.58 -13.25
C GLY A 110 1.24 13.85 -14.30
N ASP A 111 0.57 12.83 -14.80
CA ASP A 111 -0.56 13.02 -15.70
C ASP A 111 -1.83 13.32 -14.93
N ARG A 112 -2.67 14.18 -15.50
CA ARG A 112 -4.06 14.33 -15.07
C ARG A 112 -4.91 13.42 -15.94
N LEU A 113 -5.39 12.32 -15.38
CA LEU A 113 -6.17 11.35 -16.13
C LEU A 113 -7.64 11.76 -16.10
N GLU A 114 -8.15 12.25 -17.24
CA GLU A 114 -9.52 12.72 -17.34
C GLU A 114 -10.43 11.66 -17.93
N TYR A 115 -11.63 11.55 -17.38
CA TYR A 115 -12.64 10.59 -17.81
C TYR A 115 -13.74 11.33 -18.56
N HIS A 116 -14.01 10.91 -19.78
CA HIS A 116 -15.05 11.52 -20.61
C HIS A 116 -16.07 10.44 -20.95
N LEU A 117 -17.22 10.45 -20.28
CA LEU A 117 -18.24 9.43 -20.50
C LEU A 117 -19.54 10.07 -20.90
N GLU A 118 -20.22 9.45 -21.86
CA GLU A 118 -21.56 9.82 -22.25
C GLU A 118 -22.46 8.61 -22.07
N VAL A 119 -23.76 8.88 -22.00
CA VAL A 119 -24.76 7.83 -21.93
C VAL A 119 -25.06 7.37 -23.35
N LEU A 120 -24.86 6.09 -23.63
CA LEU A 120 -25.25 5.51 -24.91
C LEU A 120 -26.68 5.00 -24.87
N LYS A 121 -27.08 4.43 -23.75
CA LYS A 121 -28.45 3.96 -23.58
C LYS A 121 -28.73 3.85 -22.09
N HIS A 122 -29.93 4.25 -21.69
CA HIS A 122 -30.38 4.00 -20.34
C HIS A 122 -31.87 3.72 -20.36
N LYS A 123 -32.31 2.88 -19.43
CA LYS A 123 -33.73 2.52 -19.33
C LYS A 123 -33.95 1.98 -17.91
N GLY A 124 -34.40 2.83 -17.01
CA GLY A 124 -34.63 2.44 -15.64
C GLY A 124 -33.34 2.28 -14.88
N MET A 125 -33.06 1.06 -14.41
CA MET A 125 -31.82 0.82 -13.68
C MET A 125 -30.67 0.37 -14.59
N ILE A 126 -30.94 0.13 -15.88
CA ILE A 126 -29.95 -0.40 -16.82
C ILE A 126 -29.28 0.75 -17.55
N TRP A 127 -27.97 0.89 -17.37
CA TRP A 127 -27.22 1.99 -17.96
C TRP A 127 -26.07 1.46 -18.79
N GLN A 128 -25.96 1.94 -20.03
CA GLN A 128 -24.77 1.73 -20.86
C GLN A 128 -24.10 3.08 -21.09
N VAL A 129 -22.85 3.17 -20.69
CA VAL A 129 -22.06 4.39 -20.87
C VAL A 129 -20.85 4.04 -21.70
N GLY A 130 -20.21 5.07 -22.25
CA GLY A 130 -19.06 4.84 -23.10
C GLY A 130 -18.28 6.12 -23.25
N GLY A 131 -16.99 5.98 -23.52
CA GLY A 131 -16.19 7.16 -23.80
C GLY A 131 -14.71 6.93 -23.82
N THR A 132 -13.96 7.93 -23.34
CA THR A 132 -12.51 7.93 -23.44
C THR A 132 -11.91 8.35 -22.12
N ALA A 133 -10.62 8.03 -21.96
CA ALA A 133 -9.79 8.64 -20.95
C ALA A 133 -8.74 9.48 -21.65
N GLN A 134 -8.46 10.65 -21.11
CA GLN A 134 -7.64 11.62 -21.81
C GLN A 134 -6.56 12.20 -20.91
N VAL A 135 -5.41 12.48 -21.51
CA VAL A 135 -4.33 13.25 -20.88
C VAL A 135 -3.93 14.33 -21.88
N ASP A 136 -3.96 15.59 -21.43
CA ASP A 136 -3.61 16.74 -22.27
C ASP A 136 -4.36 16.72 -23.62
N GLY A 137 -5.66 16.46 -23.58
CA GLY A 137 -6.42 16.40 -24.82
C GLY A 137 -6.10 15.24 -25.75
N LYS A 138 -5.29 14.27 -25.34
CA LYS A 138 -5.06 13.07 -26.14
C LYS A 138 -5.82 11.88 -25.55
N VAL A 139 -6.39 11.05 -26.41
CA VAL A 139 -7.10 9.85 -25.96
C VAL A 139 -6.07 8.79 -25.57
N VAL A 140 -6.03 8.41 -24.29
CA VAL A 140 -5.07 7.40 -23.84
C VAL A 140 -5.76 6.04 -23.71
N ALA A 141 -7.10 6.06 -23.60
CA ALA A 141 -7.89 4.83 -23.51
C ALA A 141 -9.30 5.11 -24.01
N GLU A 142 -10.02 4.03 -24.33
CA GLU A 142 -11.44 4.12 -24.62
C GLU A 142 -12.13 2.86 -24.10
N ALA A 143 -13.43 2.96 -23.79
CA ALA A 143 -14.15 1.85 -23.17
C ALA A 143 -15.67 2.03 -23.30
N GLU A 144 -16.38 0.90 -23.19
CA GLU A 144 -17.84 0.90 -23.11
C GLU A 144 -18.28 -0.05 -22.00
N LEU A 145 -19.19 0.40 -21.13
CA LEU A 145 -19.57 -0.34 -19.94
C LEU A 145 -21.09 -0.39 -19.77
N LYS A 146 -21.57 -1.51 -19.26
CA LYS A 146 -22.98 -1.70 -18.93
C LYS A 146 -23.10 -1.94 -17.43
N ALA A 147 -24.05 -1.26 -16.80
CA ALA A 147 -24.26 -1.39 -15.37
C ALA A 147 -25.75 -1.45 -15.05
N MET A 148 -26.05 -2.16 -13.97
CA MET A 148 -27.35 -2.19 -13.36
C MET A 148 -27.28 -1.53 -11.99
N ILE A 149 -28.15 -0.55 -11.75
CA ILE A 149 -28.31 0.01 -10.41
C ILE A 149 -29.19 -0.94 -9.59
N ALA A 150 -28.71 -1.31 -8.41
CA ALA A 150 -29.42 -2.22 -7.52
C ALA A 150 -29.46 -1.66 -6.11
N GLU A 151 -30.30 -2.26 -5.29
CA GLU A 151 -30.36 -1.91 -3.87
C GLU A 151 -29.16 -2.48 -3.14
N ARG A 152 -28.66 -1.70 -2.17
CA ARG A 152 -27.39 -1.96 -1.53
C ARG A 152 -27.51 -3.06 -0.48
N GLU A 153 -26.66 -4.07 -0.61
CA GLU A 153 -26.63 -5.28 0.21
C GLU A 153 -25.76 -6.33 -0.49
N GLN B 3 7.39 -27.42 -15.91
CA GLN B 3 7.24 -28.31 -14.76
C GLN B 3 6.03 -29.21 -14.91
N SER B 4 5.35 -29.40 -13.77
CA SER B 4 3.91 -29.65 -13.74
C SER B 4 3.26 -28.35 -13.28
N GLN B 5 3.47 -28.01 -12.01
CA GLN B 5 3.05 -26.76 -11.43
C GLN B 5 4.23 -25.77 -11.41
N PHE B 6 3.93 -24.48 -11.55
CA PHE B 6 4.91 -23.42 -11.31
C PHE B 6 4.50 -22.61 -10.08
N PHE B 7 5.47 -22.23 -9.26
CA PHE B 7 5.18 -21.60 -7.99
C PHE B 7 5.58 -20.13 -8.01
N ILE B 8 5.24 -19.43 -6.92
CA ILE B 8 5.41 -17.97 -6.88
C ILE B 8 6.86 -17.58 -7.16
N GLU B 9 7.82 -18.41 -6.75
CA GLU B 9 9.22 -18.06 -7.02
C GLU B 9 9.53 -18.10 -8.52
N HIS B 10 8.90 -19.00 -9.28
CA HIS B 10 9.09 -18.98 -10.73
C HIS B 10 8.35 -17.82 -11.36
N ILE B 11 7.10 -17.57 -10.92
CA ILE B 11 6.32 -16.46 -11.46
C ILE B 11 7.10 -15.16 -11.29
N LEU B 12 7.76 -14.97 -10.15
CA LEU B 12 8.46 -13.72 -9.89
C LEU B 12 9.65 -13.53 -10.83
N GLN B 13 10.24 -14.63 -11.31
CA GLN B 13 11.37 -14.53 -12.22
C GLN B 13 10.94 -14.23 -13.66
N ILE B 14 9.69 -14.47 -14.00
CA ILE B 14 9.20 -14.32 -15.37
C ILE B 14 8.46 -13.00 -15.55
N LEU B 15 7.42 -12.75 -14.69
CA LEU B 15 6.61 -11.54 -14.75
C LEU B 15 7.34 -10.37 -14.10
N PRO B 16 7.25 -9.17 -14.69
CA PRO B 16 7.79 -7.99 -14.00
C PRO B 16 6.92 -7.44 -12.86
N HIS B 17 5.64 -7.83 -12.79
CA HIS B 17 4.75 -7.25 -11.78
C HIS B 17 5.23 -7.55 -10.36
N ARG B 18 5.04 -6.59 -9.46
CA ARG B 18 5.37 -6.80 -8.06
C ARG B 18 4.20 -6.38 -7.18
N TYR B 19 4.37 -6.54 -5.87
CA TYR B 19 3.35 -6.13 -4.93
C TYR B 19 3.11 -4.63 -5.07
N PRO B 20 1.84 -4.15 -5.05
CA PRO B 20 0.62 -4.92 -4.88
C PRO B 20 -0.11 -5.25 -6.20
N MET B 21 0.62 -5.45 -7.29
CA MET B 21 0.00 -5.71 -8.56
C MET B 21 0.43 -7.05 -9.17
N LEU B 22 0.96 -7.98 -8.38
CA LEU B 22 1.19 -9.35 -8.86
C LEU B 22 0.03 -10.19 -8.36
N LEU B 23 -0.81 -10.65 -9.28
CA LEU B 23 -2.13 -11.19 -8.95
C LEU B 23 -2.30 -12.61 -9.45
N VAL B 24 -1.20 -13.36 -9.58
CA VAL B 24 -1.20 -14.79 -9.85
C VAL B 24 -0.30 -15.44 -8.81
N ASP B 25 -0.81 -16.48 -8.14
CA ASP B 25 -0.01 -17.17 -7.13
C ASP B 25 0.60 -18.49 -7.59
N ARG B 26 -0.02 -19.20 -8.54
CA ARG B 26 0.46 -20.52 -8.94
C ARG B 26 -0.07 -20.85 -10.33
N ILE B 27 0.75 -21.57 -11.10
CA ILE B 27 0.41 -22.07 -12.43
C ILE B 27 0.12 -23.56 -12.29
N THR B 28 -1.08 -24.00 -12.63
CA THR B 28 -1.34 -25.43 -12.50
C THR B 28 -1.29 -26.16 -13.82
N GLU B 29 -1.44 -25.47 -14.95
CA GLU B 29 -1.28 -26.14 -16.24
C GLU B 29 -0.78 -25.14 -17.27
N LEU B 30 0.07 -25.61 -18.18
CA LEU B 30 0.75 -24.73 -19.12
C LEU B 30 1.04 -25.53 -20.39
N GLN B 31 0.43 -25.13 -21.49
CA GLN B 31 0.65 -25.75 -22.80
C GLN B 31 1.14 -24.64 -23.72
N ALA B 32 2.44 -24.65 -24.02
CA ALA B 32 3.08 -23.59 -24.79
C ALA B 32 2.30 -23.26 -26.05
N ASN B 33 2.01 -21.97 -26.21
CA ASN B 33 1.31 -21.39 -27.35
C ASN B 33 -0.16 -21.75 -27.39
N GLN B 34 -0.67 -22.49 -26.41
CA GLN B 34 -2.05 -22.97 -26.44
C GLN B 34 -2.86 -22.52 -25.24
N LYS B 35 -2.48 -22.87 -24.01
CA LYS B 35 -3.35 -22.56 -22.89
C LYS B 35 -2.57 -22.56 -21.58
N ILE B 36 -3.19 -21.98 -20.57
CA ILE B 36 -2.65 -21.90 -19.24
C ILE B 36 -3.80 -21.92 -18.25
N VAL B 37 -3.61 -22.64 -17.15
CA VAL B 37 -4.49 -22.57 -16.00
C VAL B 37 -3.65 -22.13 -14.83
N ALA B 38 -4.14 -21.12 -14.10
CA ALA B 38 -3.43 -20.57 -12.97
C ALA B 38 -4.46 -20.10 -11.95
N TYR B 39 -3.99 -19.62 -10.80
CA TYR B 39 -4.94 -19.11 -9.83
C TYR B 39 -4.29 -18.11 -8.91
N LYS B 40 -5.15 -17.33 -8.24
CA LYS B 40 -4.79 -16.44 -7.16
C LYS B 40 -5.73 -16.70 -5.99
N ASN B 41 -5.17 -16.94 -4.81
CA ASN B 41 -6.00 -17.05 -3.62
C ASN B 41 -6.52 -15.67 -3.23
N ILE B 42 -7.75 -15.61 -2.73
CA ILE B 42 -8.34 -14.37 -2.27
C ILE B 42 -8.47 -14.48 -0.75
N THR B 43 -7.91 -13.49 -0.05
CA THR B 43 -7.95 -13.48 1.40
C THR B 43 -8.32 -12.09 1.90
N PHE B 44 -8.88 -12.03 3.11
CA PHE B 44 -9.27 -10.73 3.66
C PHE B 44 -8.04 -9.85 3.92
N ASN B 45 -6.89 -10.46 4.17
CA ASN B 45 -5.68 -9.73 4.45
C ASN B 45 -5.06 -9.09 3.21
N GLU B 46 -5.86 -8.54 2.31
CA GLU B 46 -5.32 -7.81 1.17
C GLU B 46 -5.73 -6.35 1.30
N ASP B 47 -4.82 -5.44 0.96
CA ASP B 47 -5.09 -4.01 1.13
C ASP B 47 -6.30 -3.54 0.35
N VAL B 48 -6.59 -4.19 -0.79
CA VAL B 48 -7.67 -3.72 -1.66
C VAL B 48 -9.00 -3.76 -0.91
N PHE B 49 -9.15 -4.69 0.02
CA PHE B 49 -10.45 -4.81 0.68
C PHE B 49 -10.70 -3.69 1.68
N ASN B 50 -9.72 -2.89 2.05
CA ASN B 50 -10.06 -1.70 2.83
C ASN B 50 -10.97 -0.76 2.05
N GLY B 51 -10.92 -0.82 0.73
CA GLY B 51 -11.59 0.18 -0.07
C GLY B 51 -12.69 -0.36 -0.93
N HIS B 52 -12.86 -1.68 -0.94
CA HIS B 52 -13.76 -2.28 -1.93
C HIS B 52 -14.40 -3.55 -1.34
N PHE B 53 -15.38 -3.39 -0.47
CA PHE B 53 -15.87 -2.13 0.07
C PHE B 53 -15.81 -2.27 1.59
N PRO B 54 -15.73 -1.15 2.30
CA PRO B 54 -15.85 -1.21 3.77
C PRO B 54 -17.13 -1.96 4.15
N ASN B 55 -16.96 -3.02 4.95
CA ASN B 55 -18.00 -3.91 5.46
C ASN B 55 -18.54 -4.90 4.43
N LYS B 56 -17.98 -4.92 3.21
CA LYS B 56 -18.43 -5.84 2.17
C LYS B 56 -17.24 -6.10 1.26
N PRO B 57 -16.37 -7.06 1.63
CA PRO B 57 -15.20 -7.36 0.78
C PRO B 57 -15.54 -7.98 -0.56
N ILE B 58 -15.25 -7.29 -1.65
CA ILE B 58 -15.55 -7.79 -2.98
C ILE B 58 -14.31 -7.61 -3.86
N PHE B 59 -13.74 -8.71 -4.35
CA PHE B 59 -12.57 -8.59 -5.22
C PHE B 59 -12.95 -7.87 -6.51
N PRO B 60 -12.32 -6.74 -6.83
CA PRO B 60 -12.77 -5.93 -7.99
C PRO B 60 -12.71 -6.68 -9.30
N GLY B 61 -13.77 -6.54 -10.10
CA GLY B 61 -13.85 -7.22 -11.39
C GLY B 61 -12.67 -6.94 -12.29
N VAL B 62 -12.23 -5.67 -12.35
CA VAL B 62 -11.12 -5.32 -13.23
C VAL B 62 -9.85 -6.02 -12.79
N LEU B 63 -9.71 -6.35 -11.50
CA LEU B 63 -8.53 -7.07 -11.06
C LEU B 63 -8.60 -8.55 -11.44
N ILE B 64 -9.80 -9.12 -11.55
CA ILE B 64 -9.93 -10.44 -12.15
C ILE B 64 -9.37 -10.43 -13.56
N VAL B 65 -9.71 -9.38 -14.32
CA VAL B 65 -9.21 -9.24 -15.69
C VAL B 65 -7.69 -9.09 -15.71
N GLU B 66 -7.14 -8.24 -14.83
CA GLU B 66 -5.70 -8.10 -14.70
C GLU B 66 -5.03 -9.46 -14.45
N GLY B 67 -5.64 -10.30 -13.61
CA GLY B 67 -5.04 -11.60 -13.32
C GLY B 67 -5.10 -12.55 -14.49
N MET B 68 -6.18 -12.49 -15.26
CA MET B 68 -6.22 -13.22 -16.52
C MET B 68 -5.12 -12.75 -17.46
N ALA B 69 -4.86 -11.43 -17.47
CA ALA B 69 -3.83 -10.90 -18.35
C ALA B 69 -2.43 -11.32 -17.93
N GLN B 70 -2.15 -11.28 -16.62
CA GLN B 70 -0.85 -11.73 -16.15
C GLN B 70 -0.65 -13.21 -16.43
N SER B 71 -1.71 -14.02 -16.30
CA SER B 71 -1.59 -15.44 -16.62
C SER B 71 -1.30 -15.63 -18.11
N GLY B 72 -1.95 -14.83 -18.96
CA GLY B 72 -1.63 -14.89 -20.38
C GLY B 72 -0.21 -14.43 -20.66
N GLY B 73 0.23 -13.38 -19.96
CA GLY B 73 1.59 -12.90 -20.10
C GLY B 73 2.62 -13.96 -19.70
N PHE B 74 2.32 -14.73 -18.66
CA PHE B 74 3.22 -15.80 -18.27
C PHE B 74 3.27 -16.88 -19.36
N LEU B 75 2.11 -17.23 -19.93
CA LEU B 75 2.10 -18.14 -21.07
C LEU B 75 2.93 -17.59 -22.22
N ALA B 76 2.81 -16.28 -22.48
CA ALA B 76 3.49 -15.65 -23.60
C ALA B 76 5.00 -15.58 -23.38
N PHE B 77 5.44 -15.12 -22.20
CA PHE B 77 6.87 -15.09 -21.91
C PHE B 77 7.48 -16.47 -22.12
N THR B 78 6.89 -17.49 -21.50
CA THR B 78 7.51 -18.83 -21.52
C THR B 78 7.35 -19.52 -22.87
N SER B 79 6.31 -19.20 -23.65
CA SER B 79 6.21 -19.76 -24.99
C SER B 79 7.32 -19.20 -25.90
N LEU B 80 7.62 -17.90 -25.76
CA LEU B 80 8.62 -17.26 -26.61
C LEU B 80 10.05 -17.60 -26.18
N TRP B 81 10.35 -17.50 -24.88
CA TRP B 81 11.72 -17.53 -24.40
C TRP B 81 12.00 -18.62 -23.39
N GLY B 82 11.05 -19.51 -23.13
CA GLY B 82 11.32 -20.51 -22.11
C GLY B 82 11.42 -19.83 -20.75
N PHE B 83 12.04 -20.55 -19.79
CA PHE B 83 12.21 -20.00 -18.45
C PHE B 83 13.53 -19.23 -18.39
N ASP B 84 13.49 -18.00 -18.88
CA ASP B 84 14.68 -17.16 -18.87
C ASP B 84 14.49 -16.04 -17.86
N PRO B 85 15.11 -16.11 -16.71
CA PRO B 85 15.01 -14.99 -15.78
C PRO B 85 15.64 -13.70 -16.35
N GLU B 86 16.73 -13.81 -17.07
CA GLU B 86 17.41 -12.64 -17.61
C GLU B 86 16.72 -11.76 -18.60
N ILE B 87 16.08 -12.31 -19.61
CA ILE B 87 15.35 -11.46 -20.55
C ILE B 87 14.08 -10.90 -19.95
N ALA B 88 13.52 -11.60 -18.97
CA ALA B 88 12.30 -11.19 -18.34
C ALA B 88 12.52 -9.84 -17.73
N LYS B 89 13.71 -9.57 -17.20
CA LYS B 89 14.02 -8.31 -16.55
C LYS B 89 14.13 -7.14 -17.52
N THR B 90 14.25 -7.39 -18.83
CA THR B 90 14.27 -6.33 -19.83
C THR B 90 12.92 -6.15 -20.54
N LYS B 91 11.91 -6.92 -20.16
CA LYS B 91 10.62 -6.91 -20.84
C LYS B 91 9.50 -6.43 -19.93
N ILE B 92 8.41 -6.05 -20.57
CA ILE B 92 7.26 -5.41 -19.96
C ILE B 92 6.03 -5.92 -20.70
N VAL B 93 4.91 -6.04 -19.99
CA VAL B 93 3.65 -6.39 -20.62
C VAL B 93 2.79 -5.14 -20.69
N ALA B 94 2.06 -5.01 -21.79
CA ALA B 94 1.23 -3.85 -22.04
C ALA B 94 -0.10 -4.31 -22.60
N PHE B 95 -1.16 -4.09 -21.81
CA PHE B 95 -2.52 -4.29 -22.28
C PHE B 95 -2.75 -3.52 -23.57
N MET B 96 -3.30 -4.17 -24.59
CA MET B 96 -3.68 -3.44 -25.80
C MET B 96 -5.19 -3.26 -25.87
N THR B 97 -5.95 -4.35 -25.83
CA THR B 97 -7.40 -4.29 -25.92
C THR B 97 -8.03 -5.23 -24.90
N ILE B 98 -9.26 -4.90 -24.51
CA ILE B 98 -10.08 -5.76 -23.66
C ILE B 98 -11.49 -5.79 -24.23
N ASP B 99 -12.03 -6.99 -24.39
CA ASP B 99 -13.34 -7.14 -25.02
C ASP B 99 -14.11 -8.28 -24.38
N LYS B 100 -15.43 -8.23 -24.55
CA LYS B 100 -16.34 -9.29 -24.14
C LYS B 100 -16.15 -9.66 -22.66
N VAL B 101 -16.15 -8.65 -21.81
CA VAL B 101 -16.01 -8.87 -20.38
C VAL B 101 -17.41 -9.03 -19.79
N LYS B 102 -17.64 -10.15 -19.11
CA LYS B 102 -18.86 -10.36 -18.36
C LYS B 102 -18.48 -10.69 -16.93
N PHE B 103 -19.14 -10.05 -15.97
CA PHE B 103 -19.00 -10.38 -14.56
C PHE B 103 -20.25 -11.10 -14.13
N ARG B 104 -20.12 -12.36 -13.72
CA ARG B 104 -21.27 -13.17 -13.39
C ARG B 104 -21.48 -13.38 -11.89
N ILE B 105 -20.42 -13.62 -11.12
CA ILE B 105 -20.55 -13.95 -9.71
C ILE B 105 -19.51 -13.16 -8.92
N PRO B 106 -19.86 -12.58 -7.77
CA PRO B 106 -18.85 -11.85 -6.98
C PRO B 106 -17.80 -12.79 -6.38
N VAL B 107 -16.55 -12.30 -6.33
CA VAL B 107 -15.45 -13.03 -5.74
C VAL B 107 -15.14 -12.38 -4.40
N THR B 108 -14.87 -13.20 -3.39
CA THR B 108 -14.77 -12.72 -2.01
C THR B 108 -13.66 -13.48 -1.29
N PRO B 109 -13.20 -12.95 -0.16
CA PRO B 109 -12.16 -13.64 0.61
C PRO B 109 -12.52 -15.09 0.90
N GLY B 110 -11.52 -15.96 0.79
CA GLY B 110 -11.71 -17.39 0.90
C GLY B 110 -11.88 -18.11 -0.43
N ASP B 111 -12.16 -17.40 -1.53
CA ASP B 111 -12.19 -18.01 -2.85
C ASP B 111 -10.78 -18.27 -3.39
N ARG B 112 -10.63 -19.40 -4.09
CA ARG B 112 -9.51 -19.65 -4.99
C ARG B 112 -9.95 -19.24 -6.38
N LEU B 113 -9.41 -18.14 -6.88
CA LEU B 113 -9.83 -17.60 -8.18
C LEU B 113 -8.95 -18.19 -9.29
N GLU B 114 -9.52 -19.04 -10.14
CA GLU B 114 -8.75 -19.73 -11.17
C GLU B 114 -8.88 -19.03 -12.52
N TYR B 115 -7.76 -18.96 -13.23
CA TYR B 115 -7.69 -18.29 -14.53
C TYR B 115 -7.51 -19.34 -15.63
N HIS B 116 -8.50 -19.47 -16.53
CA HIS B 116 -8.45 -20.41 -17.64
C HIS B 116 -8.37 -19.63 -18.95
N LEU B 117 -7.20 -19.66 -19.60
CA LEU B 117 -6.98 -18.89 -20.82
C LEU B 117 -6.46 -19.76 -21.93
N GLU B 118 -6.97 -19.53 -23.13
CA GLU B 118 -6.48 -20.22 -24.30
C GLU B 118 -6.09 -19.18 -25.33
N VAL B 119 -5.03 -19.50 -26.09
CA VAL B 119 -4.52 -18.57 -27.09
C VAL B 119 -5.48 -18.52 -28.26
N LEU B 120 -6.00 -17.32 -28.56
CA LEU B 120 -6.86 -17.18 -29.72
C LEU B 120 -6.03 -16.91 -30.97
N LYS B 121 -5.02 -16.07 -30.84
CA LYS B 121 -4.08 -15.83 -31.92
C LYS B 121 -2.84 -15.21 -31.31
N HIS B 122 -1.66 -15.59 -31.82
CA HIS B 122 -0.42 -14.92 -31.43
C HIS B 122 0.45 -14.65 -32.65
N LYS B 123 1.24 -13.60 -32.55
CA LYS B 123 1.95 -13.03 -33.70
C LYS B 123 3.13 -12.23 -33.15
N GLY B 124 4.29 -12.88 -33.06
CA GLY B 124 5.46 -12.28 -32.46
C GLY B 124 5.25 -11.86 -31.01
N MET B 125 5.24 -10.55 -30.74
CA MET B 125 5.01 -10.06 -29.39
C MET B 125 3.54 -9.78 -29.11
N ILE B 126 2.63 -10.01 -30.05
CA ILE B 126 1.20 -9.74 -29.87
C ILE B 126 0.52 -11.04 -29.49
N TRP B 127 -0.24 -11.01 -28.39
CA TRP B 127 -0.92 -12.19 -27.88
C TRP B 127 -2.39 -11.87 -27.66
N GLN B 128 -3.26 -12.64 -28.31
CA GLN B 128 -4.69 -12.54 -28.11
C GLN B 128 -5.13 -13.82 -27.38
N VAL B 129 -5.56 -13.66 -26.13
CA VAL B 129 -6.03 -14.76 -25.32
C VAL B 129 -7.45 -14.47 -24.89
N GLY B 130 -8.14 -15.51 -24.47
CA GLY B 130 -9.48 -15.35 -23.96
C GLY B 130 -9.80 -16.51 -23.05
N GLY B 131 -10.84 -16.34 -22.26
CA GLY B 131 -11.24 -17.43 -21.40
C GLY B 131 -12.12 -16.94 -20.28
N THR B 132 -12.03 -17.65 -19.16
CA THR B 132 -12.90 -17.43 -18.02
C THR B 132 -12.07 -17.39 -16.75
N ALA B 133 -12.67 -16.81 -15.71
CA ALA B 133 -12.18 -16.94 -14.35
C ALA B 133 -13.19 -17.77 -13.59
N GLN B 134 -12.71 -18.61 -12.68
CA GLN B 134 -13.58 -19.62 -12.09
C GLN B 134 -13.31 -19.75 -10.61
N VAL B 135 -14.38 -20.02 -9.86
CA VAL B 135 -14.31 -20.33 -8.44
C VAL B 135 -15.15 -21.57 -8.23
N ASP B 136 -14.54 -22.65 -7.73
CA ASP B 136 -15.28 -23.88 -7.38
C ASP B 136 -16.08 -24.41 -8.56
N GLY B 137 -15.44 -24.48 -9.72
CA GLY B 137 -16.08 -25.01 -10.91
C GLY B 137 -17.08 -24.10 -11.59
N LYS B 138 -17.33 -22.91 -11.07
CA LYS B 138 -18.30 -21.98 -11.65
C LYS B 138 -17.59 -20.80 -12.31
N VAL B 139 -18.09 -20.39 -13.46
CA VAL B 139 -17.52 -19.24 -14.16
C VAL B 139 -17.97 -17.98 -13.44
N VAL B 140 -17.01 -17.23 -12.89
CA VAL B 140 -17.34 -15.95 -12.26
C VAL B 140 -17.07 -14.75 -13.18
N ALA B 141 -16.33 -14.94 -14.28
CA ALA B 141 -16.11 -13.84 -15.21
C ALA B 141 -15.60 -14.40 -16.53
N GLU B 142 -15.77 -13.59 -17.58
CA GLU B 142 -15.28 -13.89 -18.91
C GLU B 142 -14.61 -12.65 -19.48
N ALA B 143 -13.59 -12.88 -20.30
CA ALA B 143 -12.82 -11.78 -20.85
C ALA B 143 -12.03 -12.28 -22.05
N GLU B 144 -11.67 -11.34 -22.90
CA GLU B 144 -10.89 -11.58 -24.08
C GLU B 144 -9.97 -10.38 -24.21
N LEU B 145 -8.67 -10.61 -24.45
CA LEU B 145 -7.76 -9.47 -24.44
C LEU B 145 -6.57 -9.70 -25.36
N LYS B 146 -5.93 -8.58 -25.73
CA LYS B 146 -4.68 -8.55 -26.48
C LYS B 146 -3.62 -7.85 -25.65
N ALA B 147 -2.42 -8.45 -25.58
CA ALA B 147 -1.31 -7.84 -24.89
C ALA B 147 -0.09 -7.87 -25.79
N MET B 148 0.78 -6.90 -25.58
CA MET B 148 2.06 -6.80 -26.25
C MET B 148 3.16 -6.97 -25.23
N ILE B 149 4.14 -7.85 -25.53
CA ILE B 149 5.39 -7.86 -24.78
C ILE B 149 6.29 -6.77 -25.34
N ALA B 150 6.80 -5.91 -24.48
CA ALA B 150 7.53 -4.71 -24.89
C ALA B 150 8.82 -4.59 -24.10
N GLU B 151 9.77 -3.85 -24.68
CA GLU B 151 11.06 -3.66 -24.05
C GLU B 151 10.96 -2.62 -22.95
N ARG B 152 11.62 -2.89 -21.82
CA ARG B 152 11.57 -1.95 -20.71
C ARG B 152 12.39 -0.70 -21.01
N GLU B 153 13.52 -0.86 -21.71
CA GLU B 153 14.41 0.24 -22.09
C GLU B 153 14.88 1.06 -20.89
N GLN C 3 -25.38 -22.18 12.64
CA GLN C 3 -24.70 -22.45 11.37
C GLN C 3 -23.48 -23.36 11.60
N SER C 4 -23.04 -24.02 10.53
CA SER C 4 -21.75 -24.69 10.56
C SER C 4 -20.72 -24.07 9.63
N GLN C 5 -21.14 -23.38 8.57
CA GLN C 5 -20.21 -22.70 7.64
C GLN C 5 -20.42 -21.19 7.73
N PHE C 6 -19.37 -20.48 8.16
CA PHE C 6 -19.39 -19.03 8.35
C PHE C 6 -18.42 -18.39 7.35
N PHE C 7 -18.91 -17.39 6.63
CA PHE C 7 -18.10 -16.66 5.68
C PHE C 7 -17.56 -15.38 6.33
N ILE C 8 -16.74 -14.66 5.57
CA ILE C 8 -15.99 -13.53 6.13
C ILE C 8 -16.92 -12.49 6.75
N GLU C 9 -18.13 -12.31 6.18
CA GLU C 9 -19.09 -11.37 6.76
C GLU C 9 -19.53 -11.79 8.14
N HIS C 10 -19.68 -13.10 8.39
CA HIS C 10 -20.06 -13.56 9.72
C HIS C 10 -18.90 -13.42 10.70
N ILE C 11 -17.69 -13.77 10.24
CA ILE C 11 -16.50 -13.69 11.08
C ILE C 11 -16.29 -12.25 11.54
N LEU C 12 -16.51 -11.28 10.65
CA LEU C 12 -16.28 -9.88 11.00
C LEU C 12 -17.22 -9.42 12.11
N GLN C 13 -18.37 -10.07 12.27
CA GLN C 13 -19.33 -9.72 13.31
C GLN C 13 -19.03 -10.34 14.66
N ILE C 14 -18.08 -11.26 14.74
CA ILE C 14 -17.71 -11.91 15.98
C ILE C 14 -16.34 -11.45 16.45
N LEU C 15 -15.34 -11.47 15.55
CA LEU C 15 -13.99 -11.09 15.95
C LEU C 15 -13.82 -9.58 15.81
N PRO C 16 -13.12 -8.93 16.74
CA PRO C 16 -12.80 -7.51 16.56
C PRO C 16 -11.57 -7.25 15.71
N HIS C 17 -10.80 -8.28 15.34
CA HIS C 17 -9.61 -8.07 14.51
C HIS C 17 -10.00 -7.50 13.15
N ARG C 18 -9.18 -6.57 12.66
CA ARG C 18 -9.36 -6.05 11.32
C ARG C 18 -8.01 -6.13 10.57
N TYR C 19 -8.03 -5.68 9.33
CA TYR C 19 -6.82 -5.61 8.51
C TYR C 19 -5.77 -4.77 9.22
N PRO C 20 -4.50 -5.21 9.27
CA PRO C 20 -4.03 -6.46 8.66
C PRO C 20 -3.85 -7.61 9.67
N MET C 21 -4.68 -7.72 10.70
CA MET C 21 -4.50 -8.77 11.70
C MET C 21 -5.66 -9.77 11.75
N LEU C 22 -6.55 -9.77 10.77
CA LEU C 22 -7.66 -10.72 10.73
C LEU C 22 -7.22 -11.86 9.81
N LEU C 23 -6.91 -13.02 10.39
CA LEU C 23 -6.17 -14.06 9.69
C LEU C 23 -7.01 -15.33 9.53
N VAL C 24 -8.33 -15.18 9.49
CA VAL C 24 -9.26 -16.27 9.19
C VAL C 24 -10.25 -15.79 8.14
N ASP C 25 -10.39 -16.53 7.05
CA ASP C 25 -11.24 -16.13 5.93
C ASP C 25 -12.58 -16.85 5.91
N ARG C 26 -12.68 -18.04 6.50
CA ARG C 26 -13.87 -18.86 6.36
C ARG C 26 -13.83 -19.97 7.39
N ILE C 27 -15.01 -20.27 7.97
CA ILE C 27 -15.20 -21.41 8.87
C ILE C 27 -15.95 -22.48 8.11
N THR C 28 -15.34 -23.66 7.93
CA THR C 28 -16.01 -24.74 7.21
C THR C 28 -16.68 -25.76 8.11
N GLU C 29 -16.30 -25.82 9.38
CA GLU C 29 -16.79 -26.85 10.28
C GLU C 29 -16.77 -26.31 11.71
N LEU C 30 -17.86 -26.51 12.45
CA LEU C 30 -17.92 -25.99 13.81
C LEU C 30 -18.83 -26.85 14.67
N GLN C 31 -18.28 -27.39 15.75
CA GLN C 31 -19.03 -28.22 16.70
C GLN C 31 -18.83 -27.66 18.10
N ALA C 32 -19.91 -27.13 18.67
CA ALA C 32 -19.88 -26.54 20.01
C ALA C 32 -19.17 -27.45 21.00
N ASN C 33 -18.21 -26.87 21.71
CA ASN C 33 -17.44 -27.53 22.76
C ASN C 33 -16.58 -28.69 22.24
N GLN C 34 -16.47 -28.88 20.93
CA GLN C 34 -15.67 -29.98 20.36
C GLN C 34 -14.57 -29.47 19.42
N LYS C 35 -14.91 -28.96 18.23
CA LYS C 35 -13.88 -28.68 17.27
C LYS C 35 -14.32 -27.59 16.31
N ILE C 36 -13.33 -27.04 15.60
CA ILE C 36 -13.56 -26.06 14.54
C ILE C 36 -12.57 -26.34 13.43
N VAL C 37 -13.02 -26.18 12.18
CA VAL C 37 -12.13 -26.19 11.03
C VAL C 37 -12.36 -24.90 10.24
N ALA C 38 -11.27 -24.17 9.99
CA ALA C 38 -11.33 -22.89 9.29
C ALA C 38 -10.08 -22.76 8.44
N TYR C 39 -10.04 -21.71 7.61
CA TYR C 39 -8.82 -21.52 6.84
C TYR C 39 -8.59 -20.06 6.51
N LYS C 40 -7.32 -19.77 6.19
CA LYS C 40 -6.91 -18.53 5.57
C LYS C 40 -6.24 -18.85 4.24
N ASN C 41 -6.66 -18.17 3.18
CA ASN C 41 -5.95 -18.27 1.92
C ASN C 41 -4.65 -17.47 1.99
N ILE C 42 -3.60 -18.02 1.40
CA ILE C 42 -2.30 -17.37 1.38
C ILE C 42 -2.06 -16.91 -0.05
N THR C 43 -1.79 -15.62 -0.23
CA THR C 43 -1.55 -15.05 -1.55
C THR C 43 -0.32 -14.15 -1.50
N PHE C 44 0.37 -14.01 -2.66
CA PHE C 44 1.49 -13.08 -2.71
C PHE C 44 1.06 -11.64 -2.47
N ASN C 45 -0.19 -11.31 -2.80
CA ASN C 45 -0.70 -9.95 -2.63
C ASN C 45 -0.93 -9.58 -1.16
N GLU C 46 -0.07 -10.01 -0.25
CA GLU C 46 -0.16 -9.62 1.15
C GLU C 46 1.08 -8.83 1.51
N ASP C 47 0.88 -7.76 2.27
CA ASP C 47 1.97 -6.85 2.57
C ASP C 47 3.07 -7.54 3.39
N VAL C 48 2.71 -8.56 4.18
CA VAL C 48 3.69 -9.26 5.01
C VAL C 48 4.80 -9.87 4.14
N PHE C 49 4.49 -10.25 2.91
CA PHE C 49 5.53 -10.87 2.11
C PHE C 49 6.58 -9.89 1.61
N ASN C 50 6.34 -8.58 1.72
CA ASN C 50 7.43 -7.64 1.43
C ASN C 50 8.60 -7.82 2.37
N GLY C 51 8.38 -8.32 3.59
CA GLY C 51 9.47 -8.37 4.56
C GLY C 51 9.93 -9.75 4.96
N HIS C 52 9.22 -10.79 4.52
CA HIS C 52 9.39 -12.14 5.03
C HIS C 52 9.18 -13.16 3.90
N PHE C 53 10.11 -13.24 2.94
CA PHE C 53 11.35 -12.49 2.84
C PHE C 53 11.44 -12.02 1.40
N PRO C 54 12.17 -10.92 1.15
CA PRO C 54 12.43 -10.52 -0.24
C PRO C 54 12.93 -11.70 -1.06
N ASN C 55 12.27 -11.98 -2.19
CA ASN C 55 12.57 -13.06 -3.13
C ASN C 55 12.25 -14.45 -2.60
N LYS C 56 11.76 -14.58 -1.37
CA LYS C 56 11.40 -15.88 -0.81
C LYS C 56 10.20 -15.70 0.11
N PRO C 57 9.00 -15.59 -0.45
CA PRO C 57 7.79 -15.33 0.37
C PRO C 57 7.40 -16.55 1.19
N ILE C 58 7.32 -16.37 2.51
CA ILE C 58 7.04 -17.43 3.46
C ILE C 58 6.12 -16.86 4.53
N PHE C 59 4.95 -17.46 4.70
CA PHE C 59 4.00 -16.98 5.71
C PHE C 59 4.55 -17.19 7.12
N PRO C 60 4.74 -16.13 7.91
CA PRO C 60 5.39 -16.28 9.23
C PRO C 60 4.72 -17.32 10.11
N GLY C 61 5.54 -18.15 10.77
CA GLY C 61 5.01 -19.16 11.67
C GLY C 61 4.14 -18.59 12.78
N VAL C 62 4.53 -17.44 13.35
CA VAL C 62 3.75 -16.86 14.45
C VAL C 62 2.37 -16.41 13.98
N LEU C 63 2.22 -16.11 12.68
CA LEU C 63 0.91 -15.72 12.17
C LEU C 63 0.02 -16.94 11.94
N ILE C 64 0.63 -18.09 11.64
CA ILE C 64 -0.12 -19.35 11.67
C ILE C 64 -0.71 -19.57 13.05
N VAL C 65 0.10 -19.36 14.09
CA VAL C 65 -0.40 -19.53 15.45
C VAL C 65 -1.52 -18.54 15.73
N GLU C 66 -1.37 -17.30 15.28
CA GLU C 66 -2.39 -16.27 15.52
C GLU C 66 -3.72 -16.66 14.87
N GLY C 67 -3.68 -17.19 13.65
CA GLY C 67 -4.90 -17.65 13.02
C GLY C 67 -5.52 -18.86 13.70
N MET C 68 -4.68 -19.72 14.29
CA MET C 68 -5.22 -20.76 15.15
C MET C 68 -5.91 -20.16 16.37
N ALA C 69 -5.31 -19.14 16.99
CA ALA C 69 -5.91 -18.50 18.16
C ALA C 69 -7.25 -17.85 17.80
N GLN C 70 -7.29 -17.14 16.67
CA GLN C 70 -8.54 -16.53 16.25
C GLN C 70 -9.61 -17.58 16.02
N SER C 71 -9.25 -18.68 15.36
CA SER C 71 -10.20 -19.77 15.15
C SER C 71 -10.68 -20.37 16.47
N GLY C 72 -9.74 -20.68 17.38
CA GLY C 72 -10.13 -21.25 18.66
C GLY C 72 -10.97 -20.29 19.49
N GLY C 73 -10.66 -18.99 19.43
CA GLY C 73 -11.49 -18.01 20.10
C GLY C 73 -12.89 -17.96 19.50
N PHE C 74 -12.98 -18.09 18.17
CA PHE C 74 -14.29 -18.19 17.56
C PHE C 74 -15.06 -19.39 18.10
N LEU C 75 -14.38 -20.53 18.28
CA LEU C 75 -14.98 -21.73 18.87
C LEU C 75 -15.47 -21.47 20.30
N ALA C 76 -14.60 -20.92 21.16
CA ALA C 76 -14.98 -20.64 22.55
C ALA C 76 -16.19 -19.70 22.61
N PHE C 77 -16.12 -18.58 21.90
CA PHE C 77 -17.23 -17.62 21.95
C PHE C 77 -18.52 -18.28 21.54
N THR C 78 -18.49 -18.92 20.37
CA THR C 78 -19.63 -19.61 19.79
C THR C 78 -20.19 -20.68 20.72
N SER C 79 -19.32 -21.36 21.48
CA SER C 79 -19.78 -22.45 22.34
C SER C 79 -20.52 -21.93 23.57
N LEU C 80 -20.27 -20.68 23.95
CA LEU C 80 -20.88 -20.06 25.11
C LEU C 80 -22.11 -19.23 24.75
N TRP C 81 -22.10 -18.54 23.60
CA TRP C 81 -23.17 -17.60 23.32
C TRP C 81 -23.76 -17.76 21.92
N GLY C 82 -23.34 -18.77 21.15
CA GLY C 82 -23.83 -18.94 19.80
C GLY C 82 -23.36 -17.79 18.92
N PHE C 83 -23.97 -17.72 17.72
CA PHE C 83 -23.62 -16.64 16.79
C PHE C 83 -24.43 -15.42 17.16
N ASP C 84 -23.89 -14.63 18.09
CA ASP C 84 -24.58 -13.45 18.61
C ASP C 84 -23.66 -12.24 18.49
N PRO C 85 -23.82 -11.43 17.45
CA PRO C 85 -22.95 -10.24 17.30
C PRO C 85 -23.12 -9.21 18.41
N GLU C 86 -24.32 -9.03 18.98
CA GLU C 86 -24.45 -8.02 20.04
C GLU C 86 -23.68 -8.44 21.28
N ILE C 87 -23.73 -9.71 21.64
CA ILE C 87 -22.94 -10.16 22.78
C ILE C 87 -21.45 -10.05 22.50
N ALA C 88 -21.03 -10.27 21.24
CA ALA C 88 -19.60 -10.25 20.92
C ALA C 88 -18.97 -8.88 21.18
N LYS C 89 -19.75 -7.81 21.06
CA LYS C 89 -19.22 -6.50 21.43
C LYS C 89 -18.88 -6.39 22.92
N THR C 90 -19.44 -7.25 23.78
CA THR C 90 -19.27 -7.11 25.23
C THR C 90 -18.25 -8.07 25.82
N LYS C 91 -17.48 -8.79 24.98
CA LYS C 91 -16.53 -9.79 25.46
C LYS C 91 -15.20 -9.65 24.72
N ILE C 92 -14.12 -9.97 25.43
CA ILE C 92 -12.81 -10.14 24.82
C ILE C 92 -12.32 -11.56 25.09
N VAL C 93 -11.70 -12.17 24.09
CA VAL C 93 -11.05 -13.47 24.25
C VAL C 93 -9.56 -13.19 24.43
N ALA C 94 -9.08 -13.29 25.66
CA ALA C 94 -7.69 -12.93 25.99
C ALA C 94 -6.85 -14.20 26.07
N PHE C 95 -5.89 -14.34 25.16
CA PHE C 95 -5.05 -15.52 25.15
C PHE C 95 -3.88 -15.34 26.11
N MET C 96 -3.78 -16.27 27.06
CA MET C 96 -2.82 -16.20 28.15
C MET C 96 -1.54 -16.98 27.87
N THR C 97 -1.65 -18.16 27.25
CA THR C 97 -0.49 -19.02 27.06
C THR C 97 -0.56 -19.71 25.71
N ILE C 98 0.62 -20.06 25.20
CA ILE C 98 0.80 -20.86 23.99
C ILE C 98 1.87 -21.89 24.29
N ASP C 99 1.64 -23.12 23.84
CA ASP C 99 2.55 -24.21 24.17
C ASP C 99 2.63 -25.20 23.02
N LYS C 100 3.72 -25.98 23.03
CA LYS C 100 3.93 -27.09 22.10
C LYS C 100 3.74 -26.64 20.66
N VAL C 101 4.38 -25.54 20.29
CA VAL C 101 4.32 -25.05 18.93
C VAL C 101 5.43 -25.70 18.13
N LYS C 102 5.06 -26.35 17.03
CA LYS C 102 6.04 -26.95 16.13
C LYS C 102 5.76 -26.49 14.71
N PHE C 103 6.80 -26.01 14.02
CA PHE C 103 6.72 -25.63 12.61
C PHE C 103 7.33 -26.75 11.76
N ARG C 104 6.49 -27.42 10.97
CA ARG C 104 6.92 -28.58 10.20
C ARG C 104 7.22 -28.27 8.75
N ILE C 105 6.36 -27.51 8.08
CA ILE C 105 6.51 -27.23 6.65
C ILE C 105 6.25 -25.74 6.39
N PRO C 106 7.09 -25.08 5.58
CA PRO C 106 6.81 -23.69 5.23
C PRO C 106 5.52 -23.53 4.44
N VAL C 107 4.80 -22.46 4.76
CA VAL C 107 3.59 -22.04 4.08
C VAL C 107 3.94 -20.87 3.17
N THR C 108 3.42 -20.91 1.93
CA THR C 108 3.78 -19.98 0.87
C THR C 108 2.54 -19.53 0.10
N PRO C 109 2.64 -18.49 -0.74
CA PRO C 109 1.50 -18.08 -1.55
C PRO C 109 0.93 -19.21 -2.40
N GLY C 110 -0.39 -19.21 -2.55
CA GLY C 110 -1.11 -20.29 -3.20
C GLY C 110 -1.55 -21.40 -2.29
N ASP C 111 -1.05 -21.45 -1.05
CA ASP C 111 -1.52 -22.41 -0.06
C ASP C 111 -2.88 -21.97 0.50
N ARG C 112 -3.73 -22.94 0.76
CA ARG C 112 -4.89 -22.75 1.63
C ARG C 112 -4.51 -23.28 3.01
N LEU C 113 -4.32 -22.37 3.96
CA LEU C 113 -3.87 -22.71 5.31
C LEU C 113 -5.07 -23.05 6.19
N GLU C 114 -5.26 -24.33 6.50
CA GLU C 114 -6.42 -24.77 7.27
C GLU C 114 -6.08 -24.89 8.75
N TYR C 115 -7.02 -24.44 9.57
CA TYR C 115 -6.89 -24.48 11.03
C TYR C 115 -7.83 -25.54 11.57
N HIS C 116 -7.25 -26.54 12.27
CA HIS C 116 -7.99 -27.63 12.89
C HIS C 116 -7.74 -27.56 14.40
N LEU C 117 -8.76 -27.16 15.15
CA LEU C 117 -8.63 -26.98 16.60
C LEU C 117 -9.68 -27.82 17.31
N GLU C 118 -9.29 -28.44 18.40
CA GLU C 118 -10.25 -29.13 19.25
C GLU C 118 -10.13 -28.56 20.65
N VAL C 119 -11.25 -28.60 21.37
CA VAL C 119 -11.26 -28.21 22.78
C VAL C 119 -10.54 -29.30 23.57
N LEU C 120 -9.47 -28.93 24.26
CA LEU C 120 -8.81 -29.85 25.16
C LEU C 120 -9.41 -29.79 26.56
N LYS C 121 -9.75 -28.60 27.03
CA LYS C 121 -10.41 -28.47 28.32
C LYS C 121 -11.07 -27.11 28.39
N HIS C 122 -12.32 -27.07 28.85
CA HIS C 122 -12.97 -25.83 29.20
C HIS C 122 -13.74 -26.01 30.49
N LYS C 123 -13.69 -25.00 31.35
CA LYS C 123 -14.41 -25.02 32.62
C LYS C 123 -15.45 -23.93 32.63
N GLY C 124 -15.04 -22.67 32.66
CA GLY C 124 -16.02 -21.60 32.60
C GLY C 124 -15.68 -20.66 31.48
N MET C 125 -15.03 -19.56 31.83
CA MET C 125 -14.46 -18.66 30.86
C MET C 125 -13.05 -19.07 30.44
N ILE C 126 -12.53 -20.18 30.95
CA ILE C 126 -11.18 -20.64 30.63
C ILE C 126 -11.23 -21.75 29.59
N TRP C 127 -10.49 -21.57 28.49
CA TRP C 127 -10.55 -22.44 27.33
C TRP C 127 -9.15 -22.85 26.90
N GLN C 128 -8.90 -24.15 26.80
CA GLN C 128 -7.65 -24.67 26.25
C GLN C 128 -7.99 -25.43 24.97
N VAL C 129 -7.35 -25.04 23.88
CA VAL C 129 -7.61 -25.61 22.56
C VAL C 129 -6.27 -26.00 21.95
N GLY C 130 -6.31 -27.02 21.11
CA GLY C 130 -5.11 -27.44 20.43
C GLY C 130 -5.45 -28.06 19.10
N GLY C 131 -4.41 -28.18 18.28
CA GLY C 131 -4.58 -28.87 17.01
C GLY C 131 -3.44 -28.53 16.07
N THR C 132 -3.78 -28.50 14.78
CA THR C 132 -2.79 -28.36 13.73
C THR C 132 -3.24 -27.29 12.76
N ALA C 133 -2.27 -26.82 11.96
CA ALA C 133 -2.54 -26.10 10.72
C ALA C 133 -2.15 -27.03 9.57
N GLN C 134 -2.97 -27.05 8.53
CA GLN C 134 -2.77 -28.02 7.47
C GLN C 134 -2.83 -27.38 6.10
N VAL C 135 -2.02 -27.90 5.19
CA VAL C 135 -2.03 -27.52 3.78
C VAL C 135 -2.09 -28.82 3.00
N ASP C 136 -3.18 -29.02 2.25
CA ASP C 136 -3.35 -30.19 1.39
C ASP C 136 -3.19 -31.50 2.15
N GLY C 137 -3.94 -31.63 3.25
CA GLY C 137 -3.89 -32.82 4.07
C GLY C 137 -2.64 -33.02 4.90
N LYS C 138 -1.69 -32.09 4.88
CA LYS C 138 -0.43 -32.26 5.60
C LYS C 138 -0.30 -31.26 6.75
N VAL C 139 0.15 -31.76 7.89
CA VAL C 139 0.37 -30.91 9.05
C VAL C 139 1.57 -30.02 8.78
N VAL C 140 1.35 -28.70 8.76
CA VAL C 140 2.46 -27.76 8.59
C VAL C 140 2.85 -27.09 9.89
N ALA C 141 2.00 -27.11 10.90
CA ALA C 141 2.32 -26.58 12.21
C ALA C 141 1.33 -27.14 13.22
N GLU C 142 1.76 -27.18 14.48
CA GLU C 142 0.89 -27.54 15.59
C GLU C 142 1.06 -26.56 16.74
N ALA C 143 0.07 -26.51 17.63
CA ALA C 143 0.14 -25.61 18.77
C ALA C 143 -1.03 -25.89 19.70
N GLU C 144 -0.86 -25.44 20.94
CA GLU C 144 -1.90 -25.45 21.96
C GLU C 144 -1.98 -24.06 22.56
N LEU C 145 -3.18 -23.68 22.99
CA LEU C 145 -3.44 -22.31 23.43
C LEU C 145 -4.44 -22.31 24.58
N LYS C 146 -4.28 -21.35 25.51
CA LYS C 146 -5.25 -21.15 26.58
C LYS C 146 -5.71 -19.71 26.59
N ALA C 147 -7.02 -19.51 26.58
CA ALA C 147 -7.61 -18.19 26.62
C ALA C 147 -8.59 -18.09 27.78
N MET C 148 -8.74 -16.86 28.27
CA MET C 148 -9.79 -16.49 29.19
C MET C 148 -10.68 -15.46 28.51
N ILE C 149 -11.99 -15.66 28.61
CA ILE C 149 -12.97 -14.71 28.09
C ILE C 149 -13.42 -13.82 29.23
N ALA C 150 -13.43 -12.52 29.00
CA ALA C 150 -13.87 -11.54 29.99
C ALA C 150 -14.66 -10.44 29.29
N GLU C 151 -15.19 -9.52 30.10
CA GLU C 151 -15.99 -8.40 29.61
C GLU C 151 -15.12 -7.35 28.92
N ARG C 152 -15.70 -6.70 27.92
CA ARG C 152 -14.95 -5.72 27.11
C ARG C 152 -15.26 -4.30 27.57
N GLN D 3 31.50 -6.14 18.67
CA GLN D 3 30.70 -5.10 19.31
C GLN D 3 29.72 -5.65 20.36
N SER D 4 29.29 -4.78 21.25
CA SER D 4 28.17 -5.07 22.15
C SER D 4 26.88 -4.34 21.75
N GLN D 5 26.98 -3.09 21.29
CA GLN D 5 25.81 -2.33 20.84
C GLN D 5 25.68 -2.42 19.32
N PHE D 6 24.46 -2.72 18.87
CA PHE D 6 24.16 -2.84 17.43
C PHE D 6 22.95 -2.01 17.08
N PHE D 7 23.07 -1.18 16.06
CA PHE D 7 22.01 -0.29 15.60
C PHE D 7 21.34 -0.92 14.38
N ILE D 8 20.26 -0.29 13.92
CA ILE D 8 19.43 -0.84 12.85
C ILE D 8 20.24 -1.10 11.57
N GLU D 9 21.22 -0.26 11.26
CA GLU D 9 22.01 -0.53 10.06
C GLU D 9 22.86 -1.80 10.21
N HIS D 10 23.29 -2.11 11.45
CA HIS D 10 23.97 -3.38 11.69
C HIS D 10 22.99 -4.55 11.65
N ILE D 11 21.80 -4.36 12.25
CA ILE D 11 20.79 -5.40 12.28
C ILE D 11 20.38 -5.78 10.85
N LEU D 12 20.20 -4.80 9.98
CA LEU D 12 19.80 -5.06 8.60
C LEU D 12 20.84 -5.85 7.81
N GLN D 13 22.11 -5.85 8.22
CA GLN D 13 23.12 -6.62 7.49
C GLN D 13 23.22 -8.06 7.95
N ILE D 14 22.61 -8.42 9.08
CA ILE D 14 22.63 -9.79 9.58
C ILE D 14 21.31 -10.49 9.32
N LEU D 15 20.19 -9.83 9.61
CA LEU D 15 18.91 -10.52 9.44
C LEU D 15 18.36 -10.29 8.03
N PRO D 16 17.74 -11.30 7.41
CA PRO D 16 17.07 -11.07 6.12
C PRO D 16 15.69 -10.40 6.23
N HIS D 17 15.11 -10.28 7.44
CA HIS D 17 13.78 -9.69 7.64
C HIS D 17 13.73 -8.22 7.21
N ARG D 18 12.66 -7.83 6.53
CA ARG D 18 12.45 -6.43 6.17
C ARG D 18 11.04 -5.99 6.57
N TYR D 19 10.72 -4.74 6.25
CA TYR D 19 9.39 -4.21 6.52
C TYR D 19 8.33 -5.08 5.85
N PRO D 20 7.21 -5.39 6.53
CA PRO D 20 6.88 -5.03 7.90
C PRO D 20 7.14 -6.15 8.91
N MET D 21 8.22 -6.90 8.73
CA MET D 21 8.47 -8.03 9.62
C MET D 21 9.81 -7.94 10.34
N LEU D 22 10.46 -6.79 10.33
CA LEU D 22 11.69 -6.63 11.12
C LEU D 22 11.29 -5.98 12.43
N LEU D 23 11.41 -6.75 13.52
CA LEU D 23 10.78 -6.38 14.79
C LEU D 23 11.81 -6.18 15.89
N VAL D 24 13.06 -5.91 15.49
CA VAL D 24 14.16 -5.58 16.39
C VAL D 24 14.76 -4.27 15.88
N ASP D 25 14.77 -3.25 16.75
CA ASP D 25 15.31 -1.93 16.41
C ASP D 25 16.74 -1.69 16.87
N ARG D 26 17.14 -2.24 18.01
CA ARG D 26 18.47 -1.98 18.55
C ARG D 26 18.87 -3.12 19.47
N ILE D 27 20.17 -3.42 19.52
CA ILE D 27 20.72 -4.41 20.44
C ILE D 27 21.62 -3.68 21.43
N THR D 28 21.31 -3.82 22.72
CA THR D 28 22.03 -3.06 23.73
C THR D 28 23.07 -3.86 24.48
N GLU D 29 22.94 -5.19 24.54
CA GLU D 29 23.96 -6.07 25.08
C GLU D 29 23.98 -7.36 24.29
N LEU D 30 25.19 -7.90 24.09
CA LEU D 30 25.35 -9.18 23.40
C LEU D 30 26.58 -9.88 23.98
N GLN D 31 26.36 -10.97 24.73
CA GLN D 31 27.43 -11.82 25.23
C GLN D 31 27.34 -13.14 24.47
N ALA D 32 28.33 -13.40 23.60
CA ALA D 32 28.33 -14.59 22.77
C ALA D 32 28.08 -15.84 23.60
N ASN D 33 27.25 -16.73 23.05
CA ASN D 33 26.87 -17.98 23.69
C ASN D 33 26.11 -17.82 25.01
N GLN D 34 25.89 -16.59 25.46
CA GLN D 34 25.27 -16.37 26.77
C GLN D 34 23.89 -15.72 26.65
N LYS D 35 23.80 -14.45 26.29
CA LYS D 35 22.53 -13.76 26.36
C LYS D 35 22.55 -12.54 25.45
N ILE D 36 21.37 -11.96 25.26
CA ILE D 36 21.20 -10.78 24.43
C ILE D 36 20.10 -9.92 25.01
N VAL D 37 20.31 -8.61 24.96
CA VAL D 37 19.27 -7.63 25.29
C VAL D 37 19.07 -6.75 24.08
N ALA D 38 17.86 -6.77 23.53
CA ALA D 38 17.48 -5.95 22.40
C ALA D 38 16.13 -5.32 22.68
N TYR D 39 15.68 -4.44 21.79
CA TYR D 39 14.37 -3.85 22.00
C TYR D 39 13.78 -3.35 20.68
N LYS D 40 12.46 -3.21 20.71
CA LYS D 40 11.68 -2.62 19.64
C LYS D 40 10.83 -1.49 20.20
N ASN D 41 10.91 -0.33 19.59
CA ASN D 41 10.01 0.76 19.95
C ASN D 41 8.63 0.50 19.41
N ILE D 42 7.62 0.63 20.26
CA ILE D 42 6.22 0.52 19.88
C ILE D 42 5.67 1.93 19.70
N THR D 43 5.09 2.21 18.54
CA THR D 43 4.53 3.53 18.22
C THR D 43 3.19 3.35 17.52
N PHE D 44 2.33 4.38 17.59
CA PHE D 44 1.02 4.24 16.98
C PHE D 44 1.12 4.18 15.46
N ASN D 45 2.19 4.76 14.92
CA ASN D 45 2.43 4.86 13.49
C ASN D 45 2.87 3.55 12.83
N GLU D 46 2.33 2.43 13.29
CA GLU D 46 2.60 1.13 12.67
C GLU D 46 1.30 0.56 12.10
N ASP D 47 1.43 -0.07 10.94
CA ASP D 47 0.25 -0.56 10.21
C ASP D 47 -0.54 -1.57 11.02
N VAL D 48 0.15 -2.38 11.83
CA VAL D 48 -0.51 -3.43 12.61
C VAL D 48 -1.65 -2.88 13.46
N PHE D 49 -1.52 -1.64 13.97
CA PHE D 49 -2.53 -1.11 14.89
C PHE D 49 -3.84 -0.74 14.18
N ASN D 50 -3.84 -0.62 12.85
CA ASN D 50 -5.12 -0.47 12.15
C ASN D 50 -6.07 -1.63 12.43
N GLY D 51 -5.54 -2.79 12.78
CA GLY D 51 -6.37 -3.96 12.89
C GLY D 51 -6.36 -4.61 14.25
N HIS D 52 -5.61 -4.05 15.19
CA HIS D 52 -5.39 -4.78 16.44
C HIS D 52 -5.17 -3.79 17.59
N PHE D 53 -6.24 -3.16 18.06
CA PHE D 53 -7.59 -3.19 17.50
C PHE D 53 -8.05 -1.75 17.18
N PRO D 54 -9.04 -1.60 16.30
CA PRO D 54 -9.64 -0.27 16.10
C PRO D 54 -10.01 0.34 17.43
N ASN D 55 -9.49 1.55 17.71
CA ASN D 55 -9.67 2.33 18.94
C ASN D 55 -9.04 1.71 20.20
N LYS D 56 -8.35 0.58 20.10
CA LYS D 56 -7.61 0.02 21.23
C LYS D 56 -6.29 -0.58 20.73
N PRO D 57 -5.26 0.26 20.50
CA PRO D 57 -3.99 -0.22 19.96
C PRO D 57 -3.24 -1.17 20.90
N ILE D 58 -3.12 -2.46 20.56
CA ILE D 58 -2.41 -3.42 21.39
C ILE D 58 -1.45 -4.22 20.50
N PHE D 59 -0.16 -4.24 20.89
CA PHE D 59 0.86 -4.96 20.11
C PHE D 59 0.65 -6.46 20.22
N PRO D 60 0.37 -7.16 19.13
CA PRO D 60 0.01 -8.59 19.22
C PRO D 60 1.10 -9.41 19.90
N GLY D 61 0.67 -10.26 20.84
CA GLY D 61 1.61 -11.11 21.56
C GLY D 61 2.49 -11.95 20.64
N VAL D 62 1.91 -12.51 19.57
CA VAL D 62 2.72 -13.34 18.67
C VAL D 62 3.86 -12.54 18.10
N LEU D 63 3.64 -11.24 17.87
CA LEU D 63 4.71 -10.40 17.34
C LEU D 63 5.78 -10.14 18.40
N ILE D 64 5.40 -10.09 19.68
CA ILE D 64 6.41 -10.08 20.73
C ILE D 64 7.30 -11.31 20.61
N VAL D 65 6.69 -12.48 20.41
CA VAL D 65 7.44 -13.72 20.33
C VAL D 65 8.33 -13.73 19.08
N GLU D 66 7.82 -13.20 17.96
CA GLU D 66 8.66 -13.12 16.78
C GLU D 66 9.84 -12.17 16.99
N GLY D 67 9.63 -11.09 17.73
CA GLY D 67 10.74 -10.20 18.06
C GLY D 67 11.74 -10.86 18.99
N MET D 68 11.26 -11.70 19.91
CA MET D 68 12.17 -12.51 20.71
C MET D 68 12.94 -13.49 19.83
N ALA D 69 12.28 -14.10 18.86
CA ALA D 69 12.96 -15.06 17.98
C ALA D 69 14.01 -14.38 17.11
N GLN D 70 13.70 -13.20 16.57
CA GLN D 70 14.69 -12.49 15.78
C GLN D 70 15.89 -12.12 16.62
N SER D 71 15.66 -11.75 17.89
CA SER D 71 16.75 -11.45 18.81
C SER D 71 17.61 -12.68 19.08
N GLY D 72 16.97 -13.82 19.34
CA GLY D 72 17.71 -15.04 19.61
C GLY D 72 18.51 -15.52 18.41
N GLY D 73 17.92 -15.42 17.21
CA GLY D 73 18.65 -15.75 16.01
C GLY D 73 19.86 -14.87 15.79
N PHE D 74 19.76 -13.59 16.17
CA PHE D 74 20.92 -12.71 16.08
C PHE D 74 22.01 -13.20 17.03
N LEU D 75 21.63 -13.53 18.27
CA LEU D 75 22.54 -14.10 19.25
C LEU D 75 23.21 -15.36 18.72
N ALA D 76 22.42 -16.30 18.19
CA ALA D 76 22.97 -17.54 17.68
C ALA D 76 23.98 -17.28 16.57
N PHE D 77 23.62 -16.44 15.60
CA PHE D 77 24.49 -16.23 14.45
C PHE D 77 25.81 -15.57 14.86
N THR D 78 25.72 -14.46 15.60
CA THR D 78 26.93 -13.74 16.00
C THR D 78 27.79 -14.52 16.99
N SER D 79 27.21 -15.48 17.73
CA SER D 79 28.04 -16.30 18.60
C SER D 79 29.01 -17.16 17.78
N LEU D 80 28.55 -17.69 16.65
CA LEU D 80 29.36 -18.58 15.83
C LEU D 80 30.26 -17.84 14.85
N TRP D 81 29.78 -16.73 14.27
CA TRP D 81 30.54 -16.02 13.25
C TRP D 81 30.79 -14.55 13.56
N GLY D 82 30.45 -14.09 14.77
CA GLY D 82 30.58 -12.67 15.04
C GLY D 82 29.72 -11.82 14.12
N PHE D 83 30.16 -10.58 13.90
CA PHE D 83 29.45 -9.67 13.00
C PHE D 83 29.99 -9.85 11.60
N ASP D 84 29.34 -10.72 10.82
CA ASP D 84 29.82 -11.10 9.50
C ASP D 84 28.69 -11.02 8.49
N PRO D 85 28.51 -9.86 7.84
CA PRO D 85 27.46 -9.76 6.82
C PRO D 85 27.64 -10.73 5.67
N GLU D 86 28.87 -11.04 5.26
CA GLU D 86 29.08 -11.95 4.14
C GLU D 86 28.59 -13.36 4.47
N ILE D 87 28.94 -13.86 5.64
CA ILE D 87 28.40 -15.18 6.00
C ILE D 87 26.90 -15.11 6.25
N ALA D 88 26.38 -13.96 6.72
CA ALA D 88 24.95 -13.87 7.02
C ALA D 88 24.09 -14.11 5.78
N LYS D 89 24.56 -13.71 4.59
CA LYS D 89 23.83 -13.97 3.35
C LYS D 89 23.87 -15.44 2.95
N THR D 90 24.59 -16.29 3.70
CA THR D 90 24.77 -17.71 3.43
C THR D 90 23.92 -18.63 4.33
N LYS D 91 23.48 -18.16 5.49
CA LYS D 91 22.77 -18.99 6.46
C LYS D 91 21.33 -18.55 6.63
N ILE D 92 20.52 -19.47 7.18
CA ILE D 92 19.20 -19.18 7.75
C ILE D 92 19.17 -19.64 9.20
N VAL D 93 18.57 -18.84 10.07
CA VAL D 93 18.13 -19.27 11.38
C VAL D 93 16.67 -19.72 11.22
N ALA D 94 16.45 -21.03 11.09
CA ALA D 94 15.11 -21.57 10.89
C ALA D 94 14.55 -21.99 12.24
N PHE D 95 13.41 -21.42 12.62
CA PHE D 95 12.83 -21.69 13.92
C PHE D 95 11.93 -22.90 13.88
N MET D 96 12.17 -23.82 14.80
CA MET D 96 11.52 -25.12 14.84
C MET D 96 10.33 -25.15 15.78
N THR D 97 10.52 -24.72 17.04
CA THR D 97 9.51 -24.86 18.08
C THR D 97 9.45 -23.62 18.94
N ILE D 98 8.32 -23.48 19.62
CA ILE D 98 8.10 -22.42 20.61
C ILE D 98 7.33 -23.04 21.77
N ASP D 99 7.70 -22.66 22.99
CA ASP D 99 7.13 -23.30 24.16
C ASP D 99 7.08 -22.33 25.31
N LYS D 100 6.21 -22.65 26.26
CA LYS D 100 6.09 -21.95 27.54
C LYS D 100 5.96 -20.46 27.35
N VAL D 101 5.06 -20.09 26.43
CA VAL D 101 4.72 -18.69 26.18
C VAL D 101 3.64 -18.27 27.16
N LYS D 102 3.86 -17.15 27.85
CA LYS D 102 2.87 -16.54 28.72
C LYS D 102 2.80 -15.06 28.42
N PHE D 103 1.58 -14.54 28.26
CA PHE D 103 1.36 -13.13 28.07
C PHE D 103 0.84 -12.54 29.38
N ARG D 104 1.52 -11.54 29.89
CA ARG D 104 1.18 -11.01 31.20
C ARG D 104 0.63 -9.60 31.17
N ILE D 105 1.15 -8.74 30.30
CA ILE D 105 0.80 -7.33 30.34
C ILE D 105 0.71 -6.84 28.90
N PRO D 106 -0.37 -6.16 28.49
CA PRO D 106 -0.45 -5.69 27.10
C PRO D 106 0.66 -4.70 26.79
N VAL D 107 1.10 -4.70 25.54
CA VAL D 107 2.05 -3.71 25.05
C VAL D 107 1.29 -2.72 24.17
N THR D 108 1.58 -1.43 24.31
CA THR D 108 0.82 -0.38 23.65
C THR D 108 1.77 0.63 23.05
N PRO D 109 1.30 1.48 22.13
CA PRO D 109 2.13 2.57 21.61
C PRO D 109 2.73 3.41 22.73
N GLY D 110 4.02 3.73 22.59
CA GLY D 110 4.76 4.43 23.60
C GLY D 110 5.65 3.54 24.45
N ASP D 111 5.45 2.22 24.41
CA ASP D 111 6.30 1.29 25.14
C ASP D 111 7.61 1.06 24.41
N ARG D 112 8.68 0.85 25.17
CA ARG D 112 9.93 0.29 24.64
C ARG D 112 9.94 -1.20 25.02
N LEU D 113 9.75 -2.06 24.04
CA LEU D 113 9.63 -3.50 24.30
C LEU D 113 11.02 -4.12 24.24
N GLU D 114 11.54 -4.52 25.40
CA GLU D 114 12.88 -5.11 25.48
C GLU D 114 12.81 -6.63 25.41
N TYR D 115 13.73 -7.21 24.65
CA TYR D 115 13.86 -8.66 24.52
C TYR D 115 15.08 -9.10 25.32
N HIS D 116 14.87 -9.93 26.34
CA HIS D 116 15.94 -10.54 27.15
C HIS D 116 15.96 -12.03 26.87
N LEU D 117 16.99 -12.50 26.14
CA LEU D 117 17.11 -13.91 25.75
C LEU D 117 18.44 -14.47 26.24
N GLU D 118 18.39 -15.64 26.86
CA GLU D 118 19.59 -16.34 27.25
C GLU D 118 19.65 -17.70 26.55
N VAL D 119 20.86 -18.15 26.28
CA VAL D 119 21.06 -19.47 25.66
C VAL D 119 20.75 -20.54 26.71
N LEU D 120 19.81 -21.42 26.38
CA LEU D 120 19.49 -22.52 27.27
C LEU D 120 20.22 -23.81 26.89
N LYS D 121 20.48 -23.99 25.60
CA LYS D 121 21.22 -25.14 25.11
C LYS D 121 21.75 -24.80 23.72
N HIS D 122 23.01 -25.09 23.48
CA HIS D 122 23.59 -25.03 22.14
C HIS D 122 24.28 -26.36 21.86
N LYS D 123 23.77 -27.10 20.89
CA LYS D 123 24.28 -28.42 20.57
C LYS D 123 24.25 -28.51 19.05
N GLY D 124 25.42 -28.30 18.43
CA GLY D 124 25.53 -28.35 16.99
C GLY D 124 24.97 -27.12 16.32
N MET D 125 24.02 -27.33 15.42
CA MET D 125 23.34 -26.21 14.77
C MET D 125 21.97 -25.94 15.38
N ILE D 126 21.65 -26.63 16.48
CA ILE D 126 20.38 -26.46 17.19
C ILE D 126 20.60 -25.51 18.35
N TRP D 127 19.87 -24.40 18.39
CA TRP D 127 19.97 -23.42 19.46
C TRP D 127 18.65 -23.31 20.20
N GLN D 128 18.72 -23.31 21.52
CA GLN D 128 17.54 -23.21 22.38
C GLN D 128 17.69 -21.98 23.26
N VAL D 129 16.79 -21.01 23.07
CA VAL D 129 16.86 -19.74 23.77
C VAL D 129 15.53 -19.48 24.48
N GLY D 130 15.61 -18.77 25.59
CA GLY D 130 14.44 -18.47 26.38
C GLY D 130 14.66 -17.15 27.07
N GLY D 131 13.56 -16.59 27.56
CA GLY D 131 13.68 -15.36 28.33
C GLY D 131 12.35 -14.61 28.39
N THR D 132 12.46 -13.29 28.40
CA THR D 132 11.32 -12.45 28.68
C THR D 132 11.29 -11.28 27.72
N ALA D 133 10.12 -10.67 27.63
CA ALA D 133 9.97 -9.34 27.05
C ALA D 133 9.56 -8.41 28.17
N GLN D 134 10.11 -7.20 28.16
CA GLN D 134 9.98 -6.30 29.29
C GLN D 134 9.67 -4.88 28.83
N VAL D 135 8.84 -4.19 29.60
CA VAL D 135 8.57 -2.77 29.45
C VAL D 135 8.71 -2.15 30.83
N ASP D 136 9.61 -1.15 30.96
CA ASP D 136 9.85 -0.46 32.24
C ASP D 136 10.20 -1.45 33.35
N GLY D 137 10.99 -2.45 33.03
CA GLY D 137 11.47 -3.38 34.04
C GLY D 137 10.46 -4.40 34.51
N LYS D 138 9.30 -4.52 33.86
CA LYS D 138 8.31 -5.53 34.22
C LYS D 138 8.22 -6.56 33.11
N VAL D 139 7.98 -7.81 33.49
CA VAL D 139 7.84 -8.86 32.49
C VAL D 139 6.45 -8.76 31.87
N VAL D 140 6.41 -8.52 30.56
CA VAL D 140 5.16 -8.51 29.83
C VAL D 140 4.88 -9.84 29.12
N ALA D 141 5.90 -10.68 28.90
CA ALA D 141 5.72 -11.94 28.21
C ALA D 141 6.96 -12.81 28.41
N GLU D 142 6.78 -14.11 28.23
CA GLU D 142 7.91 -15.03 28.30
C GLU D 142 7.76 -16.14 27.26
N ALA D 143 8.89 -16.73 26.88
CA ALA D 143 8.86 -17.70 25.79
C ALA D 143 10.18 -18.45 25.72
N GLU D 144 10.12 -19.68 25.24
CA GLU D 144 11.28 -20.46 24.89
C GLU D 144 11.17 -20.86 23.42
N LEU D 145 12.30 -20.79 22.70
CA LEU D 145 12.34 -21.09 21.28
C LEU D 145 13.52 -21.99 20.95
N LYS D 146 13.35 -22.83 19.94
CA LYS D 146 14.39 -23.72 19.42
C LYS D 146 14.56 -23.44 17.93
N ALA D 147 15.77 -23.03 17.54
CA ALA D 147 16.09 -22.73 16.15
C ALA D 147 17.25 -23.59 15.66
N MET D 148 17.43 -23.58 14.35
CA MET D 148 18.42 -24.42 13.70
C MET D 148 19.08 -23.60 12.61
N ILE D 149 20.40 -23.49 12.67
CA ILE D 149 21.18 -22.75 11.68
C ILE D 149 21.53 -23.70 10.55
N ALA D 150 21.15 -23.33 9.32
CA ALA D 150 21.42 -24.11 8.12
C ALA D 150 21.77 -23.16 6.98
N GLU D 151 22.06 -23.73 5.79
CA GLU D 151 22.58 -22.97 4.66
C GLU D 151 21.45 -22.40 3.81
N ARG D 152 21.75 -21.29 3.10
CA ARG D 152 20.72 -20.63 2.30
C ARG D 152 20.74 -21.04 0.84
N SER E 4 -1.66 14.45 34.65
CA SER E 4 -1.08 15.14 33.50
C SER E 4 -0.32 14.13 32.62
N GLN E 5 -0.63 12.84 32.80
CA GLN E 5 -0.12 11.75 31.96
C GLN E 5 -1.22 11.32 30.98
N PHE E 6 -0.98 11.51 29.67
CA PHE E 6 -1.95 11.13 28.65
C PHE E 6 -1.37 10.03 27.77
N PHE E 7 -2.18 8.99 27.53
CA PHE E 7 -1.78 7.85 26.72
C PHE E 7 -2.49 7.92 25.37
N ILE E 8 -2.10 7.00 24.47
CA ILE E 8 -2.55 7.07 23.09
C ILE E 8 -4.08 7.02 23.00
N GLU E 9 -4.74 6.30 23.91
CA GLU E 9 -6.19 6.28 23.87
C GLU E 9 -6.78 7.64 24.24
N HIS E 10 -6.09 8.38 25.10
CA HIS E 10 -6.48 9.76 25.37
C HIS E 10 -6.17 10.67 24.19
N ILE E 11 -5.00 10.48 23.54
CA ILE E 11 -4.61 11.35 22.44
C ILE E 11 -5.59 11.21 21.28
N LEU E 12 -6.00 9.97 20.99
CA LEU E 12 -7.00 9.69 19.96
C LEU E 12 -8.29 10.49 20.17
N GLN E 13 -8.68 10.71 21.43
CA GLN E 13 -9.95 11.41 21.68
C GLN E 13 -9.87 12.92 21.51
N ILE E 14 -8.68 13.49 21.46
CA ILE E 14 -8.51 14.93 21.32
C ILE E 14 -8.13 15.32 19.90
N LEU E 15 -7.08 14.64 19.32
CA LEU E 15 -6.54 14.97 18.01
C LEU E 15 -7.31 14.21 16.94
N PRO E 16 -7.73 14.86 15.85
CA PRO E 16 -8.38 14.13 14.77
C PRO E 16 -7.40 13.33 13.89
N HIS E 17 -6.10 13.57 14.01
CA HIS E 17 -5.09 12.84 13.23
C HIS E 17 -5.22 11.33 13.39
N ARG E 18 -5.00 10.58 12.31
CA ARG E 18 -5.02 9.12 12.37
C ARG E 18 -3.82 8.57 11.60
N TYR E 19 -3.68 7.24 11.61
CA TYR E 19 -2.61 6.60 10.85
C TYR E 19 -2.72 6.99 9.38
N PRO E 20 -1.60 7.34 8.71
CA PRO E 20 -0.25 7.38 9.28
C PRO E 20 0.24 8.79 9.61
N MET E 21 -0.64 9.67 10.07
CA MET E 21 -0.23 11.05 10.33
C MET E 21 -0.36 11.43 11.80
N LEU E 22 -0.57 10.46 12.69
CA LEU E 22 -0.63 10.72 14.13
C LEU E 22 0.75 10.39 14.66
N LEU E 23 1.47 11.44 15.09
CA LEU E 23 2.89 11.33 15.38
C LEU E 23 3.22 11.67 16.84
N VAL E 24 2.28 11.43 17.75
CA VAL E 24 2.50 11.58 19.18
C VAL E 24 1.99 10.31 19.84
N ASP E 25 2.84 9.60 20.58
CA ASP E 25 2.39 8.39 21.25
C ASP E 25 1.96 8.61 22.70
N ARG E 26 2.50 9.62 23.37
CA ARG E 26 2.27 9.74 24.80
C ARG E 26 2.66 11.14 25.24
N ILE E 27 1.89 11.67 26.19
CA ILE E 27 2.14 12.97 26.78
C ILE E 27 2.57 12.70 28.22
N THR E 28 3.77 13.14 28.58
CA THR E 28 4.31 12.81 29.88
C THR E 28 4.21 13.96 30.88
N GLU E 29 3.95 15.17 30.39
CA GLU E 29 3.89 16.35 31.22
C GLU E 29 3.08 17.41 30.50
N LEU E 30 2.18 18.04 31.23
CA LEU E 30 1.31 19.05 30.63
C LEU E 30 1.02 20.11 31.69
N GLN E 31 1.44 21.33 31.43
CA GLN E 31 1.14 22.50 32.26
C GLN E 31 0.29 23.43 31.41
N ALA E 32 -0.97 23.61 31.80
CA ALA E 32 -1.89 24.45 31.02
C ALA E 32 -1.32 25.85 30.83
N ASN E 33 -1.46 26.36 29.61
CA ASN E 33 -1.01 27.69 29.22
C ASN E 33 0.50 27.85 29.34
N GLN E 34 1.21 26.77 29.68
CA GLN E 34 2.64 26.90 29.95
C GLN E 34 3.46 26.04 29.01
N LYS E 35 3.50 24.73 29.24
CA LYS E 35 4.36 23.86 28.46
C LYS E 35 3.76 22.46 28.37
N ILE E 36 4.34 21.65 27.46
CA ILE E 36 3.97 20.25 27.30
C ILE E 36 5.20 19.46 26.93
N VAL E 37 5.34 18.27 27.51
CA VAL E 37 6.37 17.32 27.13
C VAL E 37 5.69 16.05 26.64
N ALA E 38 6.03 15.62 25.43
CA ALA E 38 5.42 14.46 24.81
C ALA E 38 6.49 13.73 24.00
N TYR E 39 6.15 12.55 23.50
CA TYR E 39 7.13 11.86 22.69
C TYR E 39 6.45 10.91 21.69
N LYS E 40 7.24 10.54 20.68
CA LYS E 40 6.89 9.53 19.72
C LYS E 40 8.03 8.52 19.68
N ASN E 41 7.71 7.23 19.75
CA ASN E 41 8.73 6.20 19.58
C ASN E 41 9.04 6.02 18.10
N ILE E 42 10.31 5.86 17.78
CA ILE E 42 10.74 5.68 16.39
C ILE E 42 11.18 4.23 16.24
N THR E 43 10.51 3.50 15.34
CA THR E 43 10.79 2.10 15.10
C THR E 43 11.02 1.90 13.61
N PHE E 44 11.72 0.81 13.26
CA PHE E 44 11.93 0.54 11.84
C PHE E 44 10.65 0.11 11.16
N ASN E 45 9.69 -0.37 11.95
CA ASN E 45 8.41 -0.87 11.46
C ASN E 45 7.43 0.21 11.05
N GLU E 46 7.93 1.32 10.50
CA GLU E 46 7.10 2.41 10.01
C GLU E 46 7.26 2.51 8.50
N ASP E 47 6.12 2.72 7.80
CA ASP E 47 6.12 2.73 6.34
C ASP E 47 7.05 3.82 5.77
N VAL E 48 7.19 4.94 6.50
CA VAL E 48 8.01 6.07 6.04
C VAL E 48 9.44 5.64 5.73
N PHE E 49 9.96 4.62 6.42
CA PHE E 49 11.37 4.27 6.20
C PHE E 49 11.58 3.50 4.92
N ASN E 50 10.52 3.00 4.29
CA ASN E 50 10.69 2.43 2.96
C ASN E 50 11.21 3.47 1.97
N GLY E 51 10.94 4.75 2.21
CA GLY E 51 11.28 5.78 1.25
C GLY E 51 12.38 6.73 1.68
N HIS E 52 12.71 6.77 3.00
CA HIS E 52 13.53 7.83 3.57
C HIS E 52 14.50 7.25 4.63
N PHE E 53 15.57 6.59 4.20
CA PHE E 53 15.89 6.24 2.82
C PHE E 53 16.13 4.75 2.76
N PRO E 54 15.96 4.14 1.58
CA PRO E 54 16.31 2.72 1.45
C PRO E 54 17.74 2.47 1.92
N ASN E 55 17.89 1.52 2.85
CA ASN E 55 19.16 1.13 3.47
C ASN E 55 19.73 2.18 4.39
N LYS E 56 19.00 3.26 4.66
CA LYS E 56 19.48 4.30 5.56
C LYS E 56 18.25 4.96 6.22
N PRO E 57 17.68 4.32 7.25
CA PRO E 57 16.42 4.85 7.85
C PRO E 57 16.62 6.13 8.64
N ILE E 58 16.07 7.25 8.16
CA ILE E 58 16.17 8.54 8.85
C ILE E 58 14.76 9.11 8.98
N PHE E 59 14.32 9.36 10.21
CA PHE E 59 13.01 9.98 10.40
C PHE E 59 13.01 11.37 9.77
N PRO E 60 12.07 11.68 8.87
CA PRO E 60 12.12 12.96 8.14
C PRO E 60 11.93 14.16 9.06
N GLY E 61 12.79 15.17 8.88
CA GLY E 61 12.69 16.39 9.67
C GLY E 61 11.31 17.02 9.66
N VAL E 62 10.63 17.00 8.51
CA VAL E 62 9.33 17.67 8.47
C VAL E 62 8.33 16.95 9.37
N LEU E 63 8.51 15.65 9.60
CA LEU E 63 7.64 14.92 10.51
C LEU E 63 8.02 15.14 11.98
N ILE E 64 9.24 15.57 12.27
CA ILE E 64 9.56 16.02 13.62
C ILE E 64 8.77 17.29 13.93
N VAL E 65 8.84 18.25 13.01
CA VAL E 65 8.10 19.49 13.15
C VAL E 65 6.61 19.21 13.30
N GLU E 66 6.08 18.26 12.51
CA GLU E 66 4.65 17.96 12.56
C GLU E 66 4.25 17.37 13.90
N GLY E 67 5.12 16.54 14.50
CA GLY E 67 4.85 16.05 15.83
C GLY E 67 4.94 17.14 16.88
N MET E 68 5.85 18.11 16.67
CA MET E 68 5.85 19.26 17.55
C MET E 68 4.56 20.06 17.43
N ALA E 69 4.03 20.21 16.20
CA ALA E 69 2.77 20.90 16.02
C ALA E 69 1.63 20.15 16.67
N GLN E 70 1.62 18.82 16.54
CA GLN E 70 0.55 18.04 17.16
C GLN E 70 0.58 18.17 18.67
N SER E 71 1.77 18.10 19.27
CA SER E 71 1.89 18.32 20.71
C SER E 71 1.46 19.73 21.09
N GLY E 72 1.80 20.73 20.25
CA GLY E 72 1.39 22.09 20.54
C GLY E 72 -0.11 22.28 20.46
N GLY E 73 -0.75 21.66 19.49
CA GLY E 73 -2.20 21.74 19.41
C GLY E 73 -2.86 21.09 20.61
N PHE E 74 -2.32 19.96 21.06
CA PHE E 74 -2.87 19.30 22.24
C PHE E 74 -2.84 20.24 23.43
N LEU E 75 -1.71 20.92 23.64
CA LEU E 75 -1.54 21.85 24.75
C LEU E 75 -2.50 23.03 24.63
N ALA E 76 -2.58 23.62 23.43
CA ALA E 76 -3.50 24.72 23.19
C ALA E 76 -4.92 24.31 23.56
N PHE E 77 -5.36 23.14 23.08
CA PHE E 77 -6.75 22.76 23.26
C PHE E 77 -7.05 22.48 24.73
N THR E 78 -6.26 21.59 25.35
CA THR E 78 -6.56 21.21 26.73
C THR E 78 -6.38 22.37 27.69
N SER E 79 -5.59 23.38 27.33
CA SER E 79 -5.46 24.57 28.18
C SER E 79 -6.78 25.32 28.31
N LEU E 80 -7.61 25.27 27.26
CA LEU E 80 -8.85 26.01 27.20
C LEU E 80 -10.06 25.19 27.62
N TRP E 81 -10.05 23.90 27.29
CA TRP E 81 -11.20 23.04 27.52
C TRP E 81 -10.87 21.82 28.36
N GLY E 82 -9.66 21.73 28.90
CA GLY E 82 -9.32 20.47 29.56
C GLY E 82 -9.40 19.27 28.61
N PHE E 83 -9.48 18.09 29.23
CA PHE E 83 -9.67 16.85 28.49
C PHE E 83 -11.16 16.71 28.17
N ASP E 84 -11.54 17.19 26.99
CA ASP E 84 -12.94 17.23 26.58
C ASP E 84 -13.07 16.67 25.17
N PRO E 85 -13.16 15.34 25.05
CA PRO E 85 -13.33 14.72 23.72
C PRO E 85 -14.48 15.29 22.92
N GLU E 86 -15.60 15.63 23.57
CA GLU E 86 -16.80 16.03 22.83
C GLU E 86 -16.66 17.42 22.23
N ILE E 87 -16.04 18.35 22.97
CA ILE E 87 -15.74 19.64 22.35
C ILE E 87 -14.59 19.52 21.35
N ALA E 88 -13.63 18.61 21.61
CA ALA E 88 -12.54 18.39 20.66
C ALA E 88 -13.06 18.07 19.27
N LYS E 89 -14.10 17.23 19.18
CA LYS E 89 -14.68 16.90 17.88
C LYS E 89 -15.08 18.13 17.06
N THR E 90 -15.34 19.27 17.70
CA THR E 90 -15.82 20.47 17.03
C THR E 90 -14.71 21.50 16.78
N LYS E 91 -13.47 21.18 17.10
CA LYS E 91 -12.40 22.16 16.96
C LYS E 91 -11.27 21.62 16.09
N ILE E 92 -10.55 22.53 15.46
CA ILE E 92 -9.31 22.22 14.75
C ILE E 92 -8.26 23.27 15.14
N VAL E 93 -7.04 22.80 15.39
CA VAL E 93 -5.90 23.68 15.64
C VAL E 93 -5.18 23.84 14.30
N ALA E 94 -5.42 24.97 13.65
CA ALA E 94 -4.94 25.21 12.28
C ALA E 94 -3.61 25.95 12.31
N PHE E 95 -2.55 25.31 11.82
CA PHE E 95 -1.23 25.92 11.93
C PHE E 95 -0.98 26.87 10.77
N MET E 96 -0.60 28.10 11.12
CA MET E 96 -0.47 29.19 10.15
C MET E 96 0.96 29.41 9.69
N THR E 97 1.94 29.30 10.59
CA THR E 97 3.31 29.65 10.26
C THR E 97 4.24 28.72 11.01
N ILE E 98 5.42 28.50 10.42
CA ILE E 98 6.50 27.81 11.10
C ILE E 98 7.77 28.62 10.92
N ASP E 99 8.61 28.68 11.95
CA ASP E 99 9.75 29.57 11.90
C ASP E 99 10.91 29.03 12.72
N LYS E 100 12.12 29.42 12.28
CA LYS E 100 13.35 29.17 13.04
C LYS E 100 13.56 27.69 13.27
N VAL E 101 13.34 26.90 12.23
CA VAL E 101 13.55 25.45 12.29
C VAL E 101 15.02 25.16 12.06
N LYS E 102 15.62 24.40 12.98
CA LYS E 102 16.99 23.92 12.86
C LYS E 102 17.00 22.42 13.08
N PHE E 103 17.62 21.68 12.16
CA PHE E 103 17.86 20.25 12.31
C PHE E 103 19.34 20.02 12.62
N ARG E 104 19.62 19.34 13.74
CA ARG E 104 21.01 19.12 14.12
C ARG E 104 21.45 17.67 14.21
N ILE E 105 20.57 16.75 14.59
CA ILE E 105 20.98 15.36 14.76
C ILE E 105 19.96 14.46 14.07
N PRO E 106 20.39 13.53 13.23
CA PRO E 106 19.43 12.64 12.57
C PRO E 106 18.73 11.74 13.58
N VAL E 107 17.42 11.54 13.36
CA VAL E 107 16.60 10.65 14.18
C VAL E 107 16.44 9.32 13.45
N THR E 108 16.65 8.23 14.17
CA THR E 108 16.72 6.90 13.56
C THR E 108 15.89 5.90 14.34
N PRO E 109 15.50 4.79 13.72
CA PRO E 109 14.82 3.71 14.44
C PRO E 109 15.50 3.39 15.77
N GLY E 110 14.68 3.16 16.81
CA GLY E 110 15.20 2.92 18.14
C GLY E 110 15.33 4.17 19.00
N ASP E 111 15.21 5.38 18.45
CA ASP E 111 15.16 6.60 19.24
C ASP E 111 13.77 6.84 19.84
N ARG E 112 13.74 7.50 21.00
CA ARG E 112 12.53 8.10 21.58
C ARG E 112 12.54 9.61 21.31
N LEU E 113 11.63 10.08 20.46
CA LEU E 113 11.64 11.46 19.98
C LEU E 113 10.77 12.31 20.89
N GLU E 114 11.41 13.06 21.80
CA GLU E 114 10.70 13.90 22.76
C GLU E 114 10.41 15.26 22.17
N TYR E 115 9.20 15.75 22.41
CA TYR E 115 8.79 17.09 22.02
C TYR E 115 8.66 17.94 23.27
N HIS E 116 9.45 19.00 23.38
CA HIS E 116 9.40 19.92 24.51
C HIS E 116 8.94 21.27 23.97
N LEU E 117 7.70 21.66 24.29
CA LEU E 117 7.13 22.90 23.77
C LEU E 117 6.65 23.80 24.90
N GLU E 118 6.90 25.09 24.75
CA GLU E 118 6.43 26.07 25.71
C GLU E 118 5.58 27.10 24.98
N VAL E 119 4.61 27.65 25.69
CA VAL E 119 3.82 28.72 25.11
C VAL E 119 4.67 29.98 25.09
N LEU E 120 4.78 30.58 23.92
CA LEU E 120 5.44 31.86 23.76
C LEU E 120 4.45 33.01 23.77
N LYS E 121 3.28 32.81 23.18
CA LYS E 121 2.25 33.82 23.17
C LYS E 121 0.91 33.13 23.00
N HIS E 122 -0.08 33.54 23.81
CA HIS E 122 -1.46 33.07 23.71
C HIS E 122 -2.40 34.27 23.80
N LYS E 123 -3.19 34.48 22.75
CA LYS E 123 -4.19 35.55 22.75
C LYS E 123 -5.47 34.98 22.13
N GLY E 124 -6.35 34.45 22.97
CA GLY E 124 -7.61 33.88 22.53
C GLY E 124 -7.43 32.56 21.81
N MET E 125 -7.62 32.56 20.49
CA MET E 125 -7.43 31.36 19.70
C MET E 125 -6.07 31.31 18.99
N ILE E 126 -5.26 32.36 19.05
CA ILE E 126 -3.95 32.40 18.43
C ILE E 126 -2.89 31.95 19.44
N TRP E 127 -2.18 30.87 19.13
CA TRP E 127 -1.16 30.30 20.00
C TRP E 127 0.18 30.29 19.30
N GLN E 128 1.20 30.82 19.95
CA GLN E 128 2.57 30.70 19.48
C GLN E 128 3.33 29.82 20.47
N VAL E 129 3.78 28.67 20.00
CA VAL E 129 4.56 27.74 20.78
C VAL E 129 5.93 27.62 20.13
N GLY E 130 6.86 27.10 20.89
CA GLY E 130 8.21 26.91 20.40
C GLY E 130 8.97 26.01 21.35
N GLY E 131 10.02 25.40 20.81
CA GLY E 131 10.84 24.55 21.67
C GLY E 131 11.75 23.66 20.85
N THR E 132 12.00 22.48 21.40
CA THR E 132 12.93 21.54 20.83
C THR E 132 12.31 20.16 20.69
N ALA E 133 12.93 19.35 19.85
CA ALA E 133 12.78 17.90 19.87
C ALA E 133 14.08 17.32 20.41
N GLN E 134 13.99 16.22 21.17
CA GLN E 134 15.15 15.70 21.88
C GLN E 134 15.20 14.19 21.89
N VAL E 135 16.40 13.64 21.73
CA VAL E 135 16.67 12.21 21.93
C VAL E 135 17.74 12.09 23.01
N ASP E 136 17.42 11.36 24.09
CA ASP E 136 18.34 11.11 25.21
C ASP E 136 19.05 12.39 25.67
N GLY E 137 18.26 13.42 25.96
CA GLY E 137 18.82 14.64 26.52
C GLY E 137 19.48 15.57 25.54
N LYS E 138 19.62 15.18 24.28
CA LYS E 138 20.26 16.04 23.27
C LYS E 138 19.20 16.63 22.35
N VAL E 139 19.42 17.87 21.93
CA VAL E 139 18.48 18.57 21.05
C VAL E 139 18.73 18.12 19.62
N VAL E 140 17.74 17.47 19.02
CA VAL E 140 17.85 17.06 17.63
C VAL E 140 17.22 18.05 16.66
N ALA E 141 16.27 18.88 17.12
CA ALA E 141 15.68 19.89 16.25
C ALA E 141 15.10 21.02 17.10
N GLU E 142 14.90 22.18 16.45
CA GLU E 142 14.25 23.34 17.03
C GLU E 142 13.18 23.86 16.09
N ALA E 143 12.12 24.46 16.65
CA ALA E 143 11.03 24.99 15.84
C ALA E 143 10.21 26.01 16.64
N GLU E 144 9.53 26.87 15.89
CA GLU E 144 8.60 27.87 16.43
C GLU E 144 7.36 27.86 15.56
N LEU E 145 6.21 27.59 16.14
CA LEU E 145 4.98 27.46 15.37
C LEU E 145 3.92 28.42 15.88
N LYS E 146 3.05 28.85 14.99
CA LYS E 146 1.89 29.66 15.33
C LYS E 146 0.65 28.98 14.78
N ALA E 147 -0.39 28.88 15.61
CA ALA E 147 -1.61 28.21 15.22
C ALA E 147 -2.82 29.02 15.66
N MET E 148 -3.96 28.70 15.05
CA MET E 148 -5.22 29.31 15.40
C MET E 148 -6.24 28.20 15.58
N ILE E 149 -6.90 28.19 16.75
CA ILE E 149 -7.98 27.26 17.04
C ILE E 149 -9.24 27.74 16.33
N ALA E 150 -9.88 26.86 15.57
CA ALA E 150 -11.07 27.20 14.81
C ALA E 150 -12.06 26.04 14.84
N GLU E 151 -13.27 26.31 14.36
CA GLU E 151 -14.31 25.29 14.35
C GLU E 151 -14.11 24.27 13.24
N ARG E 152 -14.27 22.99 13.58
CA ARG E 152 -14.30 21.90 12.59
C ARG E 152 -15.38 22.19 11.55
N GLU E 153 -14.97 22.31 10.29
CA GLU E 153 -15.91 22.55 9.18
C GLU E 153 -15.60 21.68 7.97
N ASN F 1 25.06 21.12 -19.41
CA ASN F 1 24.10 21.12 -20.52
C ASN F 1 22.77 20.47 -20.12
N LEU F 2 22.20 20.98 -19.05
CA LEU F 2 21.00 20.38 -18.48
C LEU F 2 19.79 20.66 -19.35
N GLN F 3 18.95 19.64 -19.51
CA GLN F 3 17.61 19.85 -20.02
C GLN F 3 16.82 20.79 -19.08
N SER F 4 15.65 21.20 -19.57
CA SER F 4 14.75 22.04 -18.80
C SER F 4 13.59 21.28 -18.18
N GLN F 5 13.12 20.21 -18.82
CA GLN F 5 12.05 19.36 -18.32
C GLN F 5 12.62 18.01 -17.89
N PHE F 6 12.12 17.49 -16.76
CA PHE F 6 12.49 16.16 -16.31
C PHE F 6 11.25 15.40 -15.85
N PHE F 7 11.20 14.11 -16.13
CA PHE F 7 10.06 13.28 -15.76
C PHE F 7 10.45 12.31 -14.65
N ILE F 8 9.46 11.59 -14.12
CA ILE F 8 9.65 10.84 -12.87
C ILE F 8 10.83 9.87 -12.97
N GLU F 9 11.03 9.24 -14.14
CA GLU F 9 12.18 8.33 -14.24
C GLU F 9 13.51 9.08 -14.14
N HIS F 10 13.56 10.33 -14.56
CA HIS F 10 14.76 11.14 -14.31
C HIS F 10 14.91 11.48 -12.84
N ILE F 11 13.80 11.88 -12.19
CA ILE F 11 13.84 12.24 -10.78
C ILE F 11 14.34 11.08 -9.94
N LEU F 12 13.84 9.87 -10.24
CA LEU F 12 14.26 8.67 -9.53
C LEU F 12 15.76 8.44 -9.61
N GLN F 13 16.42 8.84 -10.71
CA GLN F 13 17.85 8.59 -10.85
C GLN F 13 18.71 9.59 -10.10
N ILE F 14 18.15 10.71 -9.62
CA ILE F 14 18.91 11.74 -8.89
C ILE F 14 18.60 11.72 -7.40
N LEU F 15 17.27 11.75 -7.04
CA LEU F 15 16.94 11.83 -5.62
C LEU F 15 16.97 10.44 -5.00
N PRO F 16 17.48 10.29 -3.77
CA PRO F 16 17.40 8.99 -3.11
C PRO F 16 15.99 8.67 -2.58
N HIS F 17 15.10 9.66 -2.45
CA HIS F 17 13.75 9.42 -1.92
C HIS F 17 12.97 8.39 -2.73
N ARG F 18 12.21 7.55 -2.04
CA ARG F 18 11.35 6.55 -2.65
C ARG F 18 9.97 6.60 -1.99
N TYR F 19 9.05 5.78 -2.50
CA TYR F 19 7.73 5.65 -1.87
C TYR F 19 7.88 5.30 -0.39
N PRO F 20 7.16 5.99 0.52
CA PRO F 20 6.18 7.04 0.24
C PRO F 20 6.68 8.46 0.52
N MET F 21 7.98 8.71 0.35
CA MET F 21 8.55 10.02 0.66
C MET F 21 9.12 10.75 -0.56
N LEU F 22 8.80 10.29 -1.78
CA LEU F 22 9.18 11.01 -2.99
C LEU F 22 7.97 11.86 -3.40
N LEU F 23 8.11 13.18 -3.27
CA LEU F 23 6.97 14.09 -3.36
C LEU F 23 7.13 15.09 -4.50
N VAL F 24 7.85 14.71 -5.56
CA VAL F 24 7.94 15.48 -6.80
C VAL F 24 7.65 14.53 -7.95
N ASP F 25 6.69 14.89 -8.82
CA ASP F 25 6.34 14.01 -9.93
C ASP F 25 6.93 14.43 -11.27
N ARG F 26 7.32 15.68 -11.44
CA ARG F 26 7.70 16.19 -12.74
C ARG F 26 8.31 17.57 -12.54
N ILE F 27 9.32 17.91 -13.34
CA ILE F 27 10.02 19.19 -13.27
C ILE F 27 9.81 19.90 -14.59
N THR F 28 9.22 21.10 -14.53
CA THR F 28 8.80 21.75 -15.77
C THR F 28 9.74 22.87 -16.22
N GLU F 29 10.44 23.53 -15.30
CA GLU F 29 11.46 24.50 -15.66
C GLU F 29 12.65 24.29 -14.75
N LEU F 30 13.86 24.36 -15.31
CA LEU F 30 15.06 24.30 -14.50
C LEU F 30 16.13 25.21 -15.12
N GLN F 31 16.70 26.10 -14.31
CA GLN F 31 17.80 26.96 -14.69
C GLN F 31 18.88 26.80 -13.63
N ALA F 32 20.04 26.26 -14.03
CA ALA F 32 21.08 25.92 -13.08
C ALA F 32 21.43 27.14 -12.23
N ASN F 33 21.61 26.90 -10.94
CA ASN F 33 22.00 27.94 -9.99
C ASN F 33 20.96 29.06 -9.83
N GLN F 34 19.82 28.98 -10.50
CA GLN F 34 18.88 30.11 -10.50
C GLN F 34 17.51 29.72 -9.93
N LYS F 35 16.73 28.91 -10.64
CA LYS F 35 15.38 28.64 -10.20
C LYS F 35 14.97 27.25 -10.67
N ILE F 36 13.94 26.71 -10.03
CA ILE F 36 13.29 25.48 -10.45
C ILE F 36 11.80 25.61 -10.21
N VAL F 37 11.00 25.08 -11.12
CA VAL F 37 9.60 24.85 -10.85
C VAL F 37 9.28 23.41 -11.21
N ALA F 38 8.58 22.73 -10.31
CA ALA F 38 8.28 21.32 -10.38
C ALA F 38 6.87 21.15 -9.82
N TYR F 39 6.35 19.92 -9.84
CA TYR F 39 5.04 19.77 -9.23
C TYR F 39 4.79 18.34 -8.80
N LYS F 40 3.80 18.22 -7.93
CA LYS F 40 3.27 16.95 -7.47
C LYS F 40 1.77 16.95 -7.69
N ASN F 41 1.26 15.91 -8.33
CA ASN F 41 -0.18 15.72 -8.37
C ASN F 41 -0.68 15.20 -7.03
N ILE F 42 -1.82 15.74 -6.58
CA ILE F 42 -2.43 15.35 -5.31
C ILE F 42 -3.68 14.57 -5.68
N THR F 43 -3.75 13.32 -5.22
CA THR F 43 -4.87 12.44 -5.53
C THR F 43 -5.39 11.81 -4.24
N PHE F 44 -6.68 11.43 -4.24
CA PHE F 44 -7.22 10.79 -3.04
C PHE F 44 -6.56 9.43 -2.79
N ASN F 45 -5.99 8.82 -3.83
CA ASN F 45 -5.37 7.50 -3.69
C ASN F 45 -3.99 7.54 -3.05
N GLU F 46 -3.77 8.43 -2.09
CA GLU F 46 -2.52 8.49 -1.34
C GLU F 46 -2.78 8.06 0.09
N ASP F 47 -1.87 7.24 0.62
CA ASP F 47 -2.04 6.68 1.96
C ASP F 47 -2.20 7.76 3.03
N VAL F 48 -1.56 8.92 2.85
CA VAL F 48 -1.54 10.00 3.83
C VAL F 48 -2.97 10.47 4.15
N PHE F 49 -3.90 10.33 3.20
CA PHE F 49 -5.23 10.85 3.48
C PHE F 49 -6.06 9.93 4.37
N ASN F 50 -5.63 8.68 4.58
CA ASN F 50 -6.29 7.89 5.62
C ASN F 50 -6.19 8.56 6.97
N GLY F 51 -5.10 9.29 7.24
CA GLY F 51 -4.90 9.88 8.54
C GLY F 51 -5.18 11.37 8.63
N HIS F 52 -5.36 12.06 7.48
CA HIS F 52 -5.22 13.51 7.52
C HIS F 52 -6.15 14.18 6.50
N PHE F 53 -7.46 14.20 6.81
CA PHE F 53 -8.08 13.55 7.97
C PHE F 53 -9.19 12.65 7.48
N PRO F 54 -9.58 11.64 8.29
CA PRO F 54 -10.83 10.90 8.00
C PRO F 54 -11.98 11.83 7.65
N ASN F 55 -12.56 11.68 6.46
CA ASN F 55 -13.67 12.44 5.89
C ASN F 55 -13.28 13.83 5.40
N LYS F 56 -12.08 14.32 5.71
CA LYS F 56 -11.62 15.64 5.28
C LYS F 56 -10.18 15.52 4.77
N PRO F 57 -10.00 15.06 3.53
CA PRO F 57 -8.64 14.88 2.97
C PRO F 57 -7.94 16.22 2.75
N ILE F 58 -6.80 16.40 3.43
CA ILE F 58 -6.07 17.65 3.38
C ILE F 58 -4.58 17.33 3.34
N PHE F 59 -3.90 17.71 2.26
CA PHE F 59 -2.48 17.42 2.12
C PHE F 59 -1.68 18.17 3.20
N PRO F 60 -0.89 17.47 4.02
CA PRO F 60 -0.23 18.12 5.17
C PRO F 60 0.75 19.21 4.76
N GLY F 61 0.63 20.37 5.43
CA GLY F 61 1.53 21.49 5.15
C GLY F 61 3.00 21.12 5.17
N VAL F 62 3.42 20.27 6.11
CA VAL F 62 4.83 19.91 6.21
C VAL F 62 5.29 19.15 4.98
N LEU F 63 4.40 18.39 4.35
CA LEU F 63 4.75 17.67 3.13
C LEU F 63 4.86 18.62 1.93
N ILE F 64 4.12 19.73 1.94
CA ILE F 64 4.37 20.80 0.97
C ILE F 64 5.81 21.31 1.12
N VAL F 65 6.20 21.66 2.35
CA VAL F 65 7.60 22.04 2.61
C VAL F 65 8.54 20.97 2.13
N GLU F 66 8.24 19.70 2.45
CA GLU F 66 9.15 18.63 2.07
C GLU F 66 9.28 18.52 0.56
N GLY F 67 8.17 18.72 -0.17
CA GLY F 67 8.25 18.69 -1.62
C GLY F 67 9.03 19.86 -2.19
N MET F 68 9.03 20.99 -1.49
CA MET F 68 9.85 22.11 -1.93
C MET F 68 11.33 21.84 -1.65
N ALA F 69 11.65 21.17 -0.55
CA ALA F 69 13.03 20.80 -0.27
C ALA F 69 13.57 19.83 -1.32
N GLN F 70 12.77 18.84 -1.70
CA GLN F 70 13.18 17.88 -2.72
C GLN F 70 13.42 18.56 -4.07
N SER F 71 12.61 19.55 -4.42
CA SER F 71 12.83 20.30 -5.65
C SER F 71 14.12 21.11 -5.58
N GLY F 72 14.36 21.79 -4.45
CA GLY F 72 15.60 22.54 -4.32
C GLY F 72 16.80 21.62 -4.32
N GLY F 73 16.68 20.48 -3.64
CA GLY F 73 17.75 19.50 -3.67
C GLY F 73 18.05 19.03 -5.08
N PHE F 74 17.02 18.82 -5.89
CA PHE F 74 17.26 18.45 -7.28
C PHE F 74 18.00 19.56 -8.02
N LEU F 75 17.61 20.82 -7.77
CA LEU F 75 18.29 21.94 -8.42
C LEU F 75 19.73 22.09 -7.93
N ALA F 76 19.94 21.96 -6.62
CA ALA F 76 21.30 22.01 -6.07
C ALA F 76 22.18 20.93 -6.69
N PHE F 77 21.66 19.71 -6.82
CA PHE F 77 22.51 18.63 -7.27
C PHE F 77 22.86 18.81 -8.74
N THR F 78 21.85 19.04 -9.59
CA THR F 78 22.10 19.11 -11.02
C THR F 78 22.91 20.36 -11.38
N SER F 79 22.86 21.39 -10.54
CA SER F 79 23.70 22.55 -10.75
C SER F 79 25.17 22.23 -10.54
N LEU F 80 25.48 21.34 -9.60
CA LEU F 80 26.85 21.03 -9.27
C LEU F 80 27.42 19.88 -10.09
N TRP F 81 26.58 18.94 -10.53
CA TRP F 81 27.06 17.78 -11.25
C TRP F 81 26.30 17.51 -12.53
N GLY F 82 25.33 18.35 -12.90
CA GLY F 82 24.57 17.92 -14.05
C GLY F 82 23.72 16.71 -13.70
N PHE F 83 23.19 16.08 -14.73
CA PHE F 83 22.36 14.90 -14.57
C PHE F 83 23.28 13.69 -14.47
N ASP F 84 23.75 13.42 -13.25
CA ASP F 84 24.75 12.40 -13.00
C ASP F 84 24.23 11.38 -12.02
N PRO F 85 23.49 10.36 -12.49
CA PRO F 85 22.95 9.33 -11.58
C PRO F 85 24.00 8.65 -10.74
N GLU F 86 25.15 8.28 -11.33
CA GLU F 86 26.15 7.51 -10.58
C GLU F 86 26.73 8.32 -9.42
N ILE F 87 26.95 9.62 -9.63
CA ILE F 87 27.39 10.46 -8.53
C ILE F 87 26.25 10.80 -7.57
N ALA F 88 25.00 10.79 -8.04
CA ALA F 88 23.88 11.05 -7.13
C ALA F 88 23.80 10.01 -6.03
N LYS F 89 24.24 8.77 -6.30
CA LYS F 89 24.19 7.72 -5.30
C LYS F 89 25.18 7.94 -4.17
N THR F 90 26.23 8.73 -4.39
CA THR F 90 27.26 8.96 -3.38
C THR F 90 27.01 10.22 -2.55
N LYS F 91 25.97 10.99 -2.87
CA LYS F 91 25.76 12.30 -2.28
C LYS F 91 24.37 12.37 -1.67
N ILE F 92 24.27 12.94 -0.48
CA ILE F 92 22.99 13.19 0.17
C ILE F 92 22.83 14.69 0.35
N VAL F 93 21.60 15.17 0.19
CA VAL F 93 21.27 16.56 0.45
C VAL F 93 20.61 16.61 1.83
N ALA F 94 21.23 17.32 2.75
CA ALA F 94 20.83 17.30 4.16
C ALA F 94 20.12 18.60 4.49
N PHE F 95 18.88 18.46 4.95
CA PHE F 95 18.07 19.59 5.41
C PHE F 95 18.65 20.22 6.67
N MET F 96 18.91 21.53 6.63
CA MET F 96 19.51 22.23 7.77
C MET F 96 18.52 23.12 8.51
N THR F 97 17.83 24.00 7.79
CA THR F 97 16.99 25.00 8.43
C THR F 97 15.77 25.24 7.56
N ILE F 98 14.67 25.64 8.20
CA ILE F 98 13.46 26.08 7.52
C ILE F 98 13.02 27.36 8.18
N ASP F 99 12.58 28.33 7.37
CA ASP F 99 12.23 29.64 7.89
C ASP F 99 11.09 30.20 7.06
N LYS F 100 10.36 31.14 7.67
CA LYS F 100 9.45 32.01 6.94
C LYS F 100 8.36 31.24 6.21
N VAL F 101 7.86 30.15 6.78
CA VAL F 101 6.85 29.37 6.08
C VAL F 101 5.47 29.77 6.57
N LYS F 102 4.56 30.00 5.62
CA LYS F 102 3.18 30.36 5.87
C LYS F 102 2.28 29.46 5.04
N PHE F 103 1.18 29.00 5.65
CA PHE F 103 0.17 28.21 4.95
C PHE F 103 -1.05 29.10 4.73
N ARG F 104 -1.36 29.40 3.47
CA ARG F 104 -2.48 30.27 3.11
C ARG F 104 -3.73 29.49 2.70
N ILE F 105 -3.59 28.51 1.81
CA ILE F 105 -4.76 27.83 1.25
C ILE F 105 -4.61 26.32 1.47
N PRO F 106 -5.66 25.60 1.87
CA PRO F 106 -5.54 24.13 1.99
C PRO F 106 -5.38 23.48 0.62
N VAL F 107 -4.65 22.37 0.60
CA VAL F 107 -4.39 21.59 -0.61
C VAL F 107 -5.12 20.26 -0.48
N THR F 108 -5.84 19.88 -1.53
CA THR F 108 -6.73 18.73 -1.44
C THR F 108 -6.59 17.86 -2.65
N PRO F 109 -6.98 16.57 -2.58
CA PRO F 109 -7.12 15.72 -3.76
C PRO F 109 -7.72 16.43 -4.97
N GLY F 110 -7.10 16.24 -6.13
CA GLY F 110 -7.48 16.92 -7.34
C GLY F 110 -6.63 18.14 -7.67
N ASP F 111 -5.89 18.67 -6.69
CA ASP F 111 -4.97 19.78 -6.94
C ASP F 111 -3.70 19.32 -7.63
N ARG F 112 -3.14 20.21 -8.44
CA ARG F 112 -1.76 20.07 -8.91
C ARG F 112 -0.90 21.04 -8.10
N LEU F 113 -0.09 20.49 -7.21
CA LEU F 113 0.69 21.31 -6.28
C LEU F 113 2.03 21.68 -6.92
N GLU F 114 2.17 22.94 -7.33
CA GLU F 114 3.37 23.41 -8.01
C GLU F 114 4.35 23.96 -6.99
N TYR F 115 5.63 23.65 -7.21
CA TYR F 115 6.72 24.15 -6.37
C TYR F 115 7.49 25.18 -7.18
N HIS F 116 7.59 26.39 -6.66
CA HIS F 116 8.33 27.45 -7.35
C HIS F 116 9.46 27.87 -6.42
N LEU F 117 10.69 27.56 -6.80
CA LEU F 117 11.84 27.81 -5.95
C LEU F 117 12.88 28.59 -6.72
N GLU F 118 13.54 29.52 -6.03
CA GLU F 118 14.70 30.18 -6.59
C GLU F 118 15.83 30.18 -5.58
N VAL F 119 17.05 30.27 -6.09
CA VAL F 119 18.23 30.28 -5.25
C VAL F 119 18.36 31.65 -4.61
N LEU F 120 18.45 31.69 -3.29
CA LEU F 120 18.66 32.93 -2.57
C LEU F 120 20.13 33.16 -2.24
N LYS F 121 20.92 32.09 -2.19
CA LYS F 121 22.33 32.12 -1.81
C LYS F 121 22.93 30.76 -2.10
N HIS F 122 23.98 30.71 -2.92
CA HIS F 122 24.71 29.48 -3.20
C HIS F 122 26.16 29.67 -2.75
N LYS F 123 26.59 28.85 -1.79
CA LYS F 123 27.94 28.91 -1.24
C LYS F 123 28.49 27.49 -1.25
N GLY F 124 29.11 27.11 -2.37
CA GLY F 124 29.71 25.80 -2.49
C GLY F 124 28.71 24.67 -2.40
N MET F 125 28.68 23.99 -1.26
CA MET F 125 27.70 22.93 -1.05
C MET F 125 26.46 23.41 -0.31
N ILE F 126 26.45 24.64 0.21
CA ILE F 126 25.34 25.18 1.00
C ILE F 126 24.36 25.90 0.08
N TRP F 127 23.09 25.47 0.08
CA TRP F 127 22.07 26.07 -0.76
C TRP F 127 20.93 26.63 0.09
N GLN F 128 20.65 27.92 -0.09
CA GLN F 128 19.49 28.60 0.48
C GLN F 128 18.49 28.86 -0.63
N VAL F 129 17.34 28.20 -0.56
CA VAL F 129 16.31 28.38 -1.58
C VAL F 129 15.06 28.91 -0.90
N GLY F 130 14.16 29.46 -1.71
CA GLY F 130 12.99 30.09 -1.17
C GLY F 130 11.94 30.27 -2.27
N GLY F 131 10.69 30.23 -1.87
CA GLY F 131 9.64 30.42 -2.86
C GLY F 131 8.27 30.07 -2.32
N THR F 132 7.43 29.60 -3.24
CA THR F 132 6.03 29.36 -2.95
C THR F 132 5.63 27.98 -3.47
N ALA F 133 4.57 27.43 -2.89
CA ALA F 133 3.85 26.34 -3.52
C ALA F 133 2.55 26.93 -4.07
N GLN F 134 2.10 26.43 -5.23
CA GLN F 134 0.99 27.08 -5.91
C GLN F 134 -0.01 26.06 -6.46
N VAL F 135 -1.28 26.45 -6.45
CA VAL F 135 -2.35 25.69 -7.09
C VAL F 135 -3.14 26.68 -7.95
N ASP F 136 -3.28 26.36 -9.24
CA ASP F 136 -4.05 27.20 -10.17
C ASP F 136 -3.67 28.68 -10.07
N GLY F 137 -2.37 28.94 -10.02
CA GLY F 137 -1.87 30.30 -10.00
C GLY F 137 -1.97 31.01 -8.67
N LYS F 138 -2.55 30.42 -7.65
CA LYS F 138 -2.64 31.04 -6.33
C LYS F 138 -1.57 30.49 -5.40
N VAL F 139 -1.01 31.37 -4.56
CA VAL F 139 0.06 30.98 -3.65
C VAL F 139 -0.58 30.23 -2.49
N VAL F 140 -0.20 28.96 -2.36
CA VAL F 140 -0.83 28.04 -1.42
C VAL F 140 0.04 27.94 -0.16
N ALA F 141 1.36 28.13 -0.31
CA ALA F 141 2.27 28.13 0.83
C ALA F 141 3.53 28.90 0.46
N GLU F 142 4.29 29.29 1.47
CA GLU F 142 5.58 29.96 1.31
C GLU F 142 6.57 29.31 2.26
N ALA F 143 7.84 29.23 1.83
CA ALA F 143 8.87 28.64 2.67
C ALA F 143 10.26 29.08 2.21
N GLU F 144 11.23 28.94 3.10
CA GLU F 144 12.64 29.20 2.84
C GLU F 144 13.46 28.08 3.46
N LEU F 145 14.36 27.48 2.68
CA LEU F 145 15.06 26.29 3.13
C LEU F 145 16.55 26.49 2.96
N LYS F 146 17.32 25.88 3.86
CA LYS F 146 18.76 25.78 3.72
C LYS F 146 19.14 24.30 3.79
N ALA F 147 19.87 23.84 2.77
CA ALA F 147 20.34 22.47 2.69
C ALA F 147 21.85 22.47 2.49
N MET F 148 22.46 21.30 2.72
CA MET F 148 23.89 21.10 2.53
C MET F 148 24.12 19.72 1.94
N ILE F 149 24.85 19.67 0.83
CA ILE F 149 25.19 18.41 0.18
C ILE F 149 26.47 17.89 0.78
N ALA F 150 26.43 16.62 1.21
CA ALA F 150 27.57 15.89 1.75
C ALA F 150 27.43 14.43 1.33
N GLU F 151 28.23 13.57 1.94
CA GLU F 151 28.34 12.18 1.49
C GLU F 151 27.19 11.31 1.99
N ARG F 152 26.75 10.40 1.13
CA ARG F 152 25.86 9.31 1.53
C ARG F 152 26.53 8.33 2.50
N GLU F 153 27.88 8.36 2.55
CA GLU F 153 28.73 7.54 3.44
C GLU F 153 28.04 6.91 4.63
N ILE G 1 -13.55 -6.42 -47.91
CA ILE G 1 -12.23 -5.84 -47.67
C ILE G 1 -12.39 -4.36 -47.35
N GLN G 2 -13.56 -3.82 -47.67
CA GLN G 2 -13.85 -2.42 -47.44
C GLN G 2 -14.81 -2.20 -46.28
N ALA G 3 -15.80 -3.09 -46.10
CA ALA G 3 -16.57 -3.05 -44.86
C ALA G 3 -15.75 -3.49 -43.67
N VAL G 4 -14.56 -4.05 -43.91
CA VAL G 4 -13.65 -4.43 -42.85
C VAL G 4 -12.78 -3.24 -42.44
N ILE G 5 -12.15 -2.60 -43.43
CA ILE G 5 -11.35 -1.41 -43.16
C ILE G 5 -12.21 -0.29 -42.59
N ALA G 6 -13.50 -0.28 -42.94
CA ALA G 6 -14.41 0.73 -42.40
C ALA G 6 -14.69 0.48 -40.92
N GLU G 7 -15.05 -0.75 -40.57
CA GLU G 7 -15.51 -1.02 -39.22
C GLU G 7 -14.36 -1.02 -38.21
N GLN G 8 -13.13 -1.27 -38.66
CA GLN G 8 -12.00 -1.31 -37.75
C GLN G 8 -11.60 0.08 -37.27
N LEU G 9 -11.88 1.11 -38.08
CA LEU G 9 -11.40 2.46 -37.78
C LEU G 9 -12.53 3.47 -37.65
N ASN G 10 -13.77 3.02 -37.47
CA ASN G 10 -14.92 3.89 -37.21
C ASN G 10 -15.01 5.03 -38.22
N VAL G 11 -15.07 4.64 -39.49
CA VAL G 11 -15.35 5.57 -40.58
C VAL G 11 -16.68 5.15 -41.20
N ASP G 12 -16.89 5.53 -42.45
CA ASP G 12 -17.86 4.89 -43.32
C ASP G 12 -17.11 4.52 -44.58
N ALA G 13 -17.45 3.37 -45.17
CA ALA G 13 -16.71 2.86 -46.31
C ALA G 13 -16.58 3.89 -47.42
N ALA G 14 -17.45 4.91 -47.42
CA ALA G 14 -17.39 5.98 -48.41
C ALA G 14 -16.01 6.61 -48.47
N GLN G 15 -15.46 7.00 -47.31
CA GLN G 15 -14.13 7.59 -47.29
C GLN G 15 -13.06 6.58 -47.69
N VAL G 16 -13.29 5.29 -47.44
CA VAL G 16 -12.33 4.25 -47.77
C VAL G 16 -12.34 4.00 -49.26
N THR G 17 -11.34 4.54 -49.97
CA THR G 17 -11.15 4.43 -51.40
C THR G 17 -9.69 4.10 -51.66
N PRO G 18 -9.38 3.37 -52.76
CA PRO G 18 -7.97 3.04 -53.07
C PRO G 18 -6.99 4.16 -52.81
N GLU G 19 -7.50 5.40 -52.86
CA GLU G 19 -6.69 6.58 -52.55
C GLU G 19 -6.24 6.60 -51.09
N ALA G 20 -7.15 6.30 -50.17
CA ALA G 20 -7.01 6.70 -48.78
C ALA G 20 -5.86 5.98 -48.10
N GLU G 21 -4.96 6.76 -47.49
CA GLU G 21 -3.84 6.24 -46.70
C GLU G 21 -4.28 6.09 -45.25
N PHE G 22 -3.95 4.93 -44.66
CA PHE G 22 -4.47 4.58 -43.34
C PHE G 22 -4.11 5.61 -42.29
N VAL G 23 -2.88 6.08 -42.29
CA VAL G 23 -2.45 7.04 -41.26
C VAL G 23 -2.92 8.44 -41.61
N LYS G 24 -2.43 9.00 -42.72
CA LYS G 24 -2.65 10.42 -43.01
C LYS G 24 -4.12 10.74 -43.22
N ASP G 25 -4.88 9.82 -43.80
CA ASP G 25 -6.25 10.10 -44.20
C ASP G 25 -7.28 9.46 -43.30
N LEU G 26 -7.09 8.21 -42.89
CA LEU G 26 -8.03 7.59 -41.96
C LEU G 26 -7.64 7.76 -40.50
N GLY G 27 -6.46 8.33 -40.24
CA GLY G 27 -6.03 8.59 -38.87
C GLY G 27 -5.72 7.37 -38.05
N ALA G 28 -5.23 6.30 -38.67
CA ALA G 28 -4.96 5.08 -37.93
C ALA G 28 -3.83 5.26 -36.94
N ASP G 29 -4.03 4.71 -35.76
CA ASP G 29 -3.07 4.60 -34.66
C ASP G 29 -2.05 3.54 -34.96
N SER G 30 -0.95 3.54 -34.21
CA SER G 30 -0.09 2.32 -34.18
C SER G 30 -0.90 1.12 -33.76
N LEU G 31 -1.69 1.25 -32.70
CA LEU G 31 -2.63 0.19 -32.28
C LEU G 31 -3.66 -0.15 -33.36
N ASP G 32 -4.21 0.89 -33.99
CA ASP G 32 -5.19 0.68 -35.07
C ASP G 32 -4.62 -0.14 -36.23
N VAL G 33 -3.38 0.15 -36.63
CA VAL G 33 -2.78 -0.62 -37.72
C VAL G 33 -2.63 -2.08 -37.32
N VAL G 34 -2.00 -2.34 -36.16
CA VAL G 34 -1.84 -3.72 -35.67
C VAL G 34 -3.15 -4.47 -35.72
N GLU G 35 -4.25 -3.82 -35.31
CA GLU G 35 -5.52 -4.53 -35.23
C GLU G 35 -6.15 -4.73 -36.59
N LEU G 36 -6.04 -3.73 -37.47
CA LEU G 36 -6.55 -3.87 -38.83
C LEU G 36 -5.90 -5.05 -39.54
N ILE G 37 -4.56 -5.10 -39.51
CA ILE G 37 -3.83 -6.21 -40.13
C ILE G 37 -4.31 -7.55 -39.60
N MET G 38 -4.42 -7.67 -38.27
CA MET G 38 -4.88 -8.91 -37.67
C MET G 38 -6.32 -9.23 -38.06
N ALA G 39 -7.13 -8.20 -38.33
CA ALA G 39 -8.52 -8.43 -38.72
C ALA G 39 -8.65 -8.78 -40.20
N LEU G 40 -7.68 -8.40 -41.03
CA LEU G 40 -7.66 -8.84 -42.42
C LEU G 40 -7.09 -10.25 -42.56
N GLU G 41 -6.34 -10.71 -41.57
CA GLU G 41 -5.90 -12.10 -41.60
C GLU G 41 -6.99 -13.05 -41.15
N GLU G 42 -7.87 -12.58 -40.29
CA GLU G 42 -9.01 -13.34 -39.89
C GLU G 42 -10.07 -13.49 -40.97
N LYS G 43 -10.38 -12.40 -41.69
CA LYS G 43 -11.51 -12.40 -42.64
C LYS G 43 -11.38 -13.40 -43.75
N PHE G 44 -10.21 -13.45 -44.33
CA PHE G 44 -9.88 -14.43 -45.32
C PHE G 44 -8.55 -14.90 -44.79
N GLY G 45 -8.41 -16.19 -44.54
CA GLY G 45 -7.19 -16.65 -43.92
C GLY G 45 -5.96 -16.37 -44.72
N ILE G 46 -5.03 -15.73 -44.06
CA ILE G 46 -3.75 -15.37 -44.64
C ILE G 46 -2.79 -14.94 -43.58
N GLU G 47 -1.58 -14.68 -44.03
CA GLU G 47 -0.56 -14.16 -43.12
C GLU G 47 0.25 -13.10 -43.86
N ILE G 48 0.58 -12.01 -43.16
CA ILE G 48 1.27 -10.85 -43.73
C ILE G 48 2.43 -10.45 -42.82
N PRO G 49 3.66 -10.87 -43.11
CA PRO G 49 4.80 -10.49 -42.25
C PRO G 49 5.03 -8.99 -42.16
N ASP G 50 5.69 -8.58 -41.09
CA ASP G 50 5.99 -7.17 -40.88
C ASP G 50 7.05 -6.68 -41.86
N GLU G 51 7.81 -7.59 -42.47
CA GLU G 51 8.54 -7.30 -43.69
C GLU G 51 7.58 -6.64 -44.67
N GLN G 52 6.61 -7.42 -45.15
CA GLN G 52 5.69 -6.89 -46.16
C GLN G 52 4.81 -5.79 -45.58
N ALA G 53 4.36 -5.95 -44.34
CA ALA G 53 3.42 -4.99 -43.74
C ALA G 53 3.92 -3.56 -43.82
N GLU G 54 5.00 -3.25 -43.07
CA GLU G 54 5.55 -1.91 -42.90
C GLU G 54 5.29 -0.98 -44.08
N LYS G 55 5.72 -1.40 -45.28
CA LYS G 55 5.46 -0.61 -46.47
C LYS G 55 4.16 -1.06 -47.14
N ILE G 56 3.07 -1.12 -46.37
CA ILE G 56 1.70 -0.96 -46.88
C ILE G 56 1.19 0.37 -46.36
N VAL G 57 0.87 1.28 -47.28
CA VAL G 57 0.56 2.66 -46.95
C VAL G 57 -0.91 2.99 -47.22
N ASN G 58 -1.46 2.57 -48.36
CA ASN G 58 -2.86 2.83 -48.64
C ASN G 58 -3.60 1.52 -48.88
N VAL G 59 -4.93 1.62 -48.97
CA VAL G 59 -5.77 0.43 -49.14
C VAL G 59 -5.49 -0.26 -50.47
N GLY G 60 -5.01 0.47 -51.48
CA GLY G 60 -4.58 -0.16 -52.70
C GLY G 60 -3.39 -1.08 -52.49
N ASP G 61 -2.48 -0.72 -51.58
CA ASP G 61 -1.29 -1.53 -51.38
C ASP G 61 -1.61 -2.92 -50.80
N VAL G 62 -2.69 -3.05 -50.01
CA VAL G 62 -3.08 -4.35 -49.47
C VAL G 62 -4.09 -5.05 -50.38
N VAL G 63 -4.94 -4.28 -51.07
CA VAL G 63 -5.95 -4.93 -51.90
C VAL G 63 -5.33 -5.79 -52.98
N LYS G 64 -4.05 -5.59 -53.28
CA LYS G 64 -3.28 -6.54 -54.06
C LYS G 64 -2.45 -7.40 -53.10
N TYR G 65 -3.17 -8.22 -52.33
CA TYR G 65 -2.53 -9.20 -51.47
C TYR G 65 -3.49 -10.35 -51.16
C1 CIT H . -4.69 0.91 -6.06
O1 CIT H . -5.82 0.67 -6.52
O2 CIT H . -4.42 2.13 -5.87
C2 CIT H . -3.70 -0.24 -5.75
C3 CIT H . -4.31 -1.65 -5.86
O7 CIT H . -5.15 -1.88 -4.71
C4 CIT H . -3.28 -2.75 -5.90
C5 CIT H . -3.83 -3.81 -4.96
O3 CIT H . -3.90 -5.02 -5.31
O4 CIT H . -4.22 -3.46 -3.81
C6 CIT H . -5.10 -1.94 -7.11
O5 CIT H . -4.52 -2.33 -8.14
O6 CIT H . -6.34 -1.82 -7.13
C1 CIT I . 3.55 -6.06 11.12
O1 CIT I . 4.04 -7.12 11.56
O2 CIT I . 4.29 -5.04 11.15
C2 CIT I . 2.12 -6.01 10.56
C3 CIT I . 1.74 -7.32 9.83
O7 CIT I . 2.47 -7.51 8.59
C4 CIT I . 0.27 -7.44 9.55
C5 CIT I . 0.14 -8.29 8.32
O3 CIT I . -0.55 -9.35 8.33
O4 CIT I . 0.74 -7.91 7.27
C6 CIT I . 1.91 -8.53 10.72
O5 CIT I . 2.81 -9.36 10.51
O6 CIT I . 1.12 -8.65 11.67
C1 CIT J . 3.96 8.58 7.47
O1 CIT J . 4.19 7.83 8.47
O2 CIT J . 3.49 9.70 7.78
C2 CIT J . 4.20 8.18 6.01
C3 CIT J . 3.75 9.27 5.02
O7 CIT J . 2.31 9.36 4.93
C4 CIT J . 4.16 9.01 3.57
C5 CIT J . 3.56 10.03 2.59
O3 CIT J . 3.12 9.72 1.45
O4 CIT J . 3.52 11.21 2.90
C6 CIT J . 4.37 10.60 5.43
O5 CIT J . 5.61 10.76 5.37
O6 CIT J . 3.64 11.52 5.87
O3 PN7 K . -0.68 1.80 -28.36
O4 PN7 K . 1.66 2.77 -26.72
C2 PN7 K . 1.14 0.27 -28.26
C1 PN7 K . 1.48 1.16 -29.45
P PN7 K . 2.65 0.87 -31.80
O1P PN7 K . 3.35 2.15 -31.40
O2P PN7 K . 3.43 -0.38 -32.11
O3P PN7 K . 1.60 0.42 -30.64
CE1 PN7 K . 0.43 -1.01 -28.70
CE2 PN7 K . 2.42 -0.10 -27.52
C3 PN7 K . 0.13 1.07 -27.42
C4 PN7 K . 0.76 2.01 -26.41
N5 PN7 K . 0.30 2.03 -25.17
C6 PN7 K . -0.71 1.28 -24.46
C7 PN7 K . -0.29 1.53 -22.99
C8 PN7 K . -1.08 0.68 -22.03
O8 PN7 K . -1.55 -0.39 -22.35
N9 PN7 K . -1.25 1.08 -20.80
C10 PN7 K . -2.01 0.29 -19.84
C11 PN7 K . -0.99 -0.04 -18.76
S12 PN7 K . -0.91 -1.83 -18.58
#